data_2RUW
#
_entry.id   2RUW
#
loop_
_entity.id
_entity.type
_entity.pdbx_description
1 polymer 'Zinc finger protein ZFAT'
2 non-polymer 'ZINC ION'
#
_entity_poly.entity_id   1
_entity_poly.type   'polypeptide(L)'
_entity_poly.pdbx_seq_one_letter_code
;GSSGSSGIKQHCRFCKKKYSDVKNLIKHIRDAHDPQD
;
_entity_poly.pdbx_strand_id   A
#
loop_
_chem_comp.id
_chem_comp.type
_chem_comp.name
_chem_comp.formula
ZN non-polymer 'ZINC ION' 'Zn 2'
#
# COMPACT_ATOMS: atom_id res chain seq x y z
N GLY A 1 -9.90 7.13 -19.47
CA GLY A 1 -10.04 5.67 -19.26
C GLY A 1 -9.47 5.23 -17.92
N SER A 2 -10.08 4.24 -17.28
CA SER A 2 -9.71 3.77 -15.92
C SER A 2 -8.44 2.91 -15.87
N SER A 3 -8.06 2.28 -16.99
CA SER A 3 -6.87 1.42 -17.13
C SER A 3 -5.66 2.18 -17.70
N GLY A 4 -4.44 1.73 -17.33
CA GLY A 4 -3.17 2.29 -17.79
C GLY A 4 -1.99 1.94 -16.88
N SER A 5 -0.76 2.16 -17.38
CA SER A 5 0.51 1.90 -16.66
C SER A 5 1.08 3.13 -15.92
N SER A 6 0.45 4.30 -16.07
CA SER A 6 0.90 5.60 -15.52
C SER A 6 0.55 5.77 -14.03
N GLY A 7 1.12 4.93 -13.17
CA GLY A 7 0.93 4.97 -11.71
C GLY A 7 2.03 4.22 -10.93
N ILE A 8 2.09 4.47 -9.62
CA ILE A 8 3.08 3.85 -8.71
C ILE A 8 2.64 2.47 -8.21
N LYS A 9 3.59 1.71 -7.62
CA LYS A 9 3.34 0.43 -6.95
C LYS A 9 3.87 0.48 -5.51
N GLN A 10 3.03 0.13 -4.55
CA GLN A 10 3.31 0.07 -3.12
C GLN A 10 2.85 -1.27 -2.52
N HIS A 11 3.39 -1.70 -1.37
CA HIS A 11 3.06 -2.99 -0.75
C HIS A 11 2.84 -2.93 0.77
N CYS A 12 1.97 -3.82 1.27
CA CYS A 12 1.79 -4.08 2.69
C CYS A 12 2.99 -4.86 3.26
N ARG A 13 3.23 -4.65 4.56
CA ARG A 13 4.35 -5.21 5.34
C ARG A 13 3.87 -6.13 6.46
N PHE A 14 2.57 -6.42 6.48
CA PHE A 14 1.86 -7.14 7.55
C PHE A 14 0.97 -8.28 6.99
N CYS A 15 0.45 -8.14 5.76
CA CYS A 15 -0.27 -9.19 5.01
C CYS A 15 0.16 -9.34 3.53
N LYS A 16 1.19 -8.58 3.10
CA LYS A 16 1.87 -8.66 1.79
C LYS A 16 1.01 -8.38 0.54
N LYS A 17 -0.12 -7.68 0.70
CA LYS A 17 -0.92 -7.12 -0.41
C LYS A 17 -0.15 -6.06 -1.20
N LYS A 18 -0.68 -5.68 -2.38
CA LYS A 18 -0.15 -4.62 -3.25
C LYS A 18 -1.22 -3.56 -3.56
N TYR A 19 -0.79 -2.30 -3.63
CA TYR A 19 -1.61 -1.10 -3.80
C TYR A 19 -1.05 -0.15 -4.87
N SER A 20 -1.93 0.56 -5.57
CA SER A 20 -1.59 1.51 -6.65
C SER A 20 -1.31 2.95 -6.17
N ASP A 21 -1.50 3.22 -4.87
CA ASP A 21 -1.25 4.52 -4.24
C ASP A 21 -0.86 4.36 -2.76
N VAL A 22 0.09 5.15 -2.27
CA VAL A 22 0.57 5.09 -0.88
C VAL A 22 -0.49 5.49 0.15
N LYS A 23 -1.41 6.40 -0.20
CA LYS A 23 -2.52 6.80 0.67
C LYS A 23 -3.55 5.68 0.81
N ASN A 24 -3.79 4.90 -0.25
CA ASN A 24 -4.66 3.72 -0.22
C ASN A 24 -4.02 2.59 0.61
N LEU A 25 -2.70 2.40 0.50
CA LEU A 25 -1.93 1.51 1.38
C LEU A 25 -2.01 1.96 2.85
N ILE A 26 -1.84 3.24 3.16
CA ILE A 26 -1.90 3.74 4.54
C ILE A 26 -3.31 3.61 5.12
N LYS A 27 -4.35 3.83 4.31
CA LYS A 27 -5.76 3.56 4.67
C LYS A 27 -5.99 2.07 4.99
N HIS A 28 -5.39 1.16 4.21
CA HIS A 28 -5.39 -0.27 4.52
C HIS A 28 -4.67 -0.58 5.84
N ILE A 29 -3.45 -0.05 6.04
CA ILE A 29 -2.66 -0.27 7.26
C ILE A 29 -3.42 0.19 8.51
N ARG A 30 -3.93 1.42 8.53
CA ARG A 30 -4.61 1.99 9.73
C ARG A 30 -5.97 1.35 10.04
N ASP A 31 -6.56 0.62 9.08
CA ASP A 31 -7.79 -0.15 9.27
C ASP A 31 -7.55 -1.60 9.71
N ALA A 32 -6.58 -2.28 9.06
CA ALA A 32 -6.36 -3.72 9.19
C ALA A 32 -5.24 -4.12 10.18
N HIS A 33 -4.27 -3.23 10.44
CA HIS A 33 -3.04 -3.57 11.18
C HIS A 33 -2.71 -2.58 12.32
N ASP A 34 -2.85 -1.27 12.06
CA ASP A 34 -2.62 -0.13 12.96
C ASP A 34 -1.38 -0.27 13.89
N PRO A 35 -0.16 -0.26 13.33
CA PRO A 35 1.08 -0.53 14.06
C PRO A 35 1.50 0.60 15.04
N GLN A 36 0.75 1.69 15.13
CA GLN A 36 1.01 2.82 16.03
C GLN A 36 0.52 2.57 17.48
N ASP A 37 -0.26 1.51 17.72
CA ASP A 37 -0.78 1.11 19.05
C ASP A 37 0.31 0.56 20.01
ZN ZN B . -1.97 -5.49 5.02
N GLY A 1 18.06 -7.17 -9.91
CA GLY A 1 18.47 -5.73 -9.94
C GLY A 1 17.33 -4.83 -10.38
N SER A 2 17.37 -3.56 -9.97
CA SER A 2 16.38 -2.51 -10.29
C SER A 2 17.02 -1.12 -10.40
N SER A 3 16.29 -0.16 -10.99
CA SER A 3 16.74 1.22 -11.22
C SER A 3 15.56 2.21 -11.09
N GLY A 4 15.82 3.52 -11.22
CA GLY A 4 14.77 4.54 -11.29
C GLY A 4 13.80 4.36 -12.47
N SER A 5 14.26 3.72 -13.55
CA SER A 5 13.45 3.32 -14.72
C SER A 5 12.51 2.12 -14.46
N SER A 6 12.69 1.39 -13.34
CA SER A 6 11.78 0.31 -12.91
C SER A 6 10.46 0.83 -12.33
N GLY A 7 10.37 2.13 -12.02
CA GLY A 7 9.19 2.78 -11.42
C GLY A 7 8.96 2.48 -9.94
N ILE A 8 7.92 3.07 -9.37
CA ILE A 8 7.51 2.89 -7.97
C ILE A 8 6.48 1.76 -7.78
N LYS A 9 6.41 1.22 -6.56
CA LYS A 9 5.50 0.13 -6.14
C LYS A 9 5.05 0.35 -4.69
N GLN A 10 3.81 -0.01 -4.36
CA GLN A 10 3.24 0.08 -3.02
C GLN A 10 2.62 -1.27 -2.61
N HIS A 11 3.08 -1.83 -1.48
CA HIS A 11 2.57 -3.06 -0.89
C HIS A 11 2.53 -3.01 0.64
N CYS A 12 1.64 -3.79 1.24
CA CYS A 12 1.55 -4.00 2.68
C CYS A 12 2.81 -4.70 3.22
N ARG A 13 3.17 -4.32 4.45
CA ARG A 13 4.28 -4.86 5.24
C ARG A 13 3.87 -6.11 6.03
N PHE A 14 2.60 -6.21 6.39
CA PHE A 14 2.08 -7.20 7.36
C PHE A 14 1.29 -8.35 6.72
N CYS A 15 0.60 -8.10 5.60
CA CYS A 15 -0.15 -9.12 4.83
C CYS A 15 0.19 -9.18 3.32
N LYS A 16 1.20 -8.40 2.88
CA LYS A 16 1.84 -8.43 1.55
C LYS A 16 0.94 -8.17 0.33
N LYS A 17 -0.26 -7.61 0.53
CA LYS A 17 -1.18 -7.13 -0.51
C LYS A 17 -0.60 -5.94 -1.29
N LYS A 18 -0.99 -5.79 -2.55
CA LYS A 18 -0.52 -4.72 -3.47
C LYS A 18 -1.55 -3.60 -3.65
N TYR A 19 -1.07 -2.36 -3.78
CA TYR A 19 -1.90 -1.14 -3.80
C TYR A 19 -1.54 -0.18 -4.94
N SER A 20 -2.53 0.60 -5.38
CA SER A 20 -2.44 1.57 -6.48
C SER A 20 -1.85 2.94 -6.08
N ASP A 21 -1.87 3.27 -4.78
CA ASP A 21 -1.39 4.53 -4.22
C ASP A 21 -0.95 4.34 -2.77
N VAL A 22 0.04 5.12 -2.30
CA VAL A 22 0.51 5.10 -0.91
C VAL A 22 -0.59 5.48 0.09
N LYS A 23 -1.53 6.34 -0.31
CA LYS A 23 -2.70 6.71 0.50
C LYS A 23 -3.67 5.55 0.66
N ASN A 24 -3.88 4.76 -0.40
CA ASN A 24 -4.72 3.54 -0.35
C ASN A 24 -4.06 2.46 0.52
N LEU A 25 -2.73 2.32 0.46
CA LEU A 25 -1.95 1.48 1.35
C LEU A 25 -2.05 1.92 2.82
N ILE A 26 -1.91 3.22 3.11
CA ILE A 26 -2.00 3.73 4.50
C ILE A 26 -3.42 3.58 5.06
N LYS A 27 -4.46 3.80 4.24
CA LYS A 27 -5.87 3.54 4.61
C LYS A 27 -6.14 2.07 4.93
N HIS A 28 -5.46 1.14 4.24
CA HIS A 28 -5.46 -0.28 4.60
C HIS A 28 -4.72 -0.53 5.93
N ILE A 29 -3.49 -0.04 6.08
CA ILE A 29 -2.66 -0.25 7.29
C ILE A 29 -3.40 0.22 8.55
N ARG A 30 -3.93 1.46 8.56
CA ARG A 30 -4.59 2.04 9.75
C ARG A 30 -5.91 1.37 10.14
N ASP A 31 -6.50 0.58 9.25
CA ASP A 31 -7.72 -0.20 9.51
C ASP A 31 -7.42 -1.66 9.90
N ALA A 32 -6.47 -2.30 9.22
CA ALA A 32 -6.20 -3.74 9.33
C ALA A 32 -5.07 -4.11 10.32
N HIS A 33 -4.11 -3.21 10.56
CA HIS A 33 -2.87 -3.52 11.31
C HIS A 33 -2.52 -2.48 12.39
N ASP A 34 -2.66 -1.19 12.08
CA ASP A 34 -2.42 -0.02 12.96
C ASP A 34 -1.18 -0.14 13.86
N PRO A 35 0.05 -0.22 13.29
CA PRO A 35 1.28 -0.54 14.00
C PRO A 35 1.80 0.61 14.89
N GLN A 36 2.57 0.24 15.91
CA GLN A 36 3.27 1.17 16.82
C GLN A 36 4.74 1.43 16.42
N ASP A 37 5.19 0.88 15.27
CA ASP A 37 6.57 0.91 14.76
C ASP A 37 6.63 1.21 13.24
ZN ZN B . -2.01 -5.52 5.18
N GLY A 1 -9.05 12.76 -13.67
CA GLY A 1 -10.00 11.70 -13.27
C GLY A 1 -9.36 10.68 -12.33
N SER A 2 -10.17 9.83 -11.70
CA SER A 2 -9.75 8.83 -10.69
C SER A 2 -9.17 7.53 -11.29
N SER A 3 -9.27 7.35 -12.61
CA SER A 3 -8.73 6.19 -13.35
C SER A 3 -7.20 6.23 -13.52
N GLY A 4 -6.61 5.11 -13.96
CA GLY A 4 -5.16 4.96 -14.16
C GLY A 4 -4.40 4.60 -12.87
N SER A 5 -3.16 5.08 -12.77
CA SER A 5 -2.20 4.75 -11.69
C SER A 5 -1.31 5.95 -11.34
N SER A 6 -0.80 5.99 -10.10
CA SER A 6 0.24 6.92 -9.64
C SER A 6 1.65 6.55 -10.13
N GLY A 7 1.78 5.50 -10.95
CA GLY A 7 3.04 5.03 -11.54
C GLY A 7 3.82 4.12 -10.60
N ILE A 8 4.17 4.61 -9.41
CA ILE A 8 4.86 3.87 -8.35
C ILE A 8 3.84 3.02 -7.56
N LYS A 9 3.95 1.69 -7.67
CA LYS A 9 3.14 0.72 -6.92
C LYS A 9 3.69 0.53 -5.50
N GLN A 10 2.83 0.13 -4.57
CA GLN A 10 3.14 -0.05 -3.15
C GLN A 10 2.67 -1.43 -2.64
N HIS A 11 3.20 -1.89 -1.51
CA HIS A 11 2.74 -3.12 -0.86
C HIS A 11 2.72 -3.03 0.68
N CYS A 12 1.81 -3.80 1.30
CA CYS A 12 1.75 -4.00 2.74
C CYS A 12 3.01 -4.70 3.29
N ARG A 13 3.29 -4.46 4.58
CA ARG A 13 4.38 -5.07 5.35
C ARG A 13 3.93 -6.32 6.10
N PHE A 14 2.69 -6.31 6.60
CA PHE A 14 2.16 -7.27 7.56
C PHE A 14 1.34 -8.41 6.91
N CYS A 15 0.67 -8.14 5.79
CA CYS A 15 -0.05 -9.13 4.98
C CYS A 15 0.34 -9.14 3.47
N LYS A 16 1.25 -8.24 3.07
CA LYS A 16 1.94 -8.20 1.76
C LYS A 16 1.05 -8.10 0.51
N LYS A 17 -0.16 -7.55 0.68
CA LYS A 17 -1.08 -7.12 -0.39
C LYS A 17 -0.51 -5.95 -1.19
N LYS A 18 -0.91 -5.79 -2.45
CA LYS A 18 -0.44 -4.74 -3.38
C LYS A 18 -1.45 -3.61 -3.56
N TYR A 19 -0.95 -2.38 -3.65
CA TYR A 19 -1.71 -1.12 -3.70
C TYR A 19 -1.23 -0.17 -4.80
N SER A 20 -2.15 0.62 -5.35
CA SER A 20 -1.93 1.56 -6.46
C SER A 20 -1.30 2.90 -6.03
N ASP A 21 -1.35 3.24 -4.74
CA ASP A 21 -0.87 4.50 -4.17
C ASP A 21 -0.53 4.34 -2.68
N VAL A 22 0.39 5.17 -2.15
CA VAL A 22 0.78 5.15 -0.73
C VAL A 22 -0.37 5.51 0.22
N LYS A 23 -1.31 6.37 -0.21
CA LYS A 23 -2.51 6.70 0.57
C LYS A 23 -3.48 5.51 0.64
N ASN A 24 -3.59 4.70 -0.41
CA ASN A 24 -4.37 3.45 -0.38
C ASN A 24 -3.70 2.39 0.52
N LEU A 25 -2.37 2.31 0.53
CA LEU A 25 -1.63 1.48 1.48
C LEU A 25 -1.83 1.94 2.94
N ILE A 26 -1.71 3.24 3.24
CA ILE A 26 -1.88 3.76 4.61
C ILE A 26 -3.33 3.59 5.10
N LYS A 27 -4.32 3.80 4.22
CA LYS A 27 -5.74 3.54 4.48
C LYS A 27 -6.02 2.05 4.77
N HIS A 28 -5.29 1.13 4.14
CA HIS A 28 -5.31 -0.28 4.50
C HIS A 28 -4.65 -0.53 5.87
N ILE A 29 -3.44 -0.03 6.11
CA ILE A 29 -2.70 -0.23 7.37
C ILE A 29 -3.52 0.23 8.58
N ARG A 30 -4.07 1.46 8.55
CA ARG A 30 -4.82 2.05 9.67
C ARG A 30 -6.17 1.36 9.98
N ASP A 31 -6.66 0.51 9.07
CA ASP A 31 -7.87 -0.29 9.24
C ASP A 31 -7.57 -1.74 9.66
N ALA A 32 -6.56 -2.36 9.04
CA ALA A 32 -6.28 -3.79 9.16
C ALA A 32 -5.19 -4.17 10.19
N HIS A 33 -4.25 -3.25 10.49
CA HIS A 33 -3.04 -3.54 11.30
C HIS A 33 -2.79 -2.52 12.41
N ASP A 34 -2.97 -1.23 12.13
CA ASP A 34 -2.89 -0.06 13.01
C ASP A 34 -1.76 -0.11 14.07
N PRO A 35 -0.49 0.21 13.69
CA PRO A 35 0.64 0.20 14.61
C PRO A 35 0.62 1.34 15.67
N GLN A 36 -0.31 2.29 15.55
CA GLN A 36 -0.55 3.39 16.50
C GLN A 36 0.71 4.25 16.79
N ASP A 37 1.52 4.51 15.76
CA ASP A 37 2.77 5.28 15.81
C ASP A 37 2.98 6.16 14.54
ZN ZN B . -1.86 -5.52 5.23
N GLY A 1 15.22 8.62 -15.65
CA GLY A 1 13.98 9.39 -15.93
C GLY A 1 12.78 8.48 -16.16
N SER A 2 11.57 9.03 -16.04
CA SER A 2 10.30 8.29 -16.16
C SER A 2 9.80 8.10 -17.60
N SER A 3 10.38 8.82 -18.58
CA SER A 3 9.90 8.94 -19.98
C SER A 3 8.43 9.38 -20.13
N GLY A 4 7.83 9.95 -19.07
CA GLY A 4 6.43 10.40 -19.01
C GLY A 4 5.40 9.28 -18.80
N SER A 5 5.81 8.03 -18.57
CA SER A 5 4.90 6.87 -18.42
C SER A 5 5.29 5.84 -17.35
N SER A 6 6.56 5.78 -16.94
CA SER A 6 7.04 4.87 -15.88
C SER A 6 6.71 5.37 -14.47
N GLY A 7 6.66 4.46 -13.49
CA GLY A 7 6.32 4.74 -12.10
C GLY A 7 6.45 3.51 -11.18
N ILE A 8 5.97 3.63 -9.95
CA ILE A 8 6.04 2.59 -8.90
C ILE A 8 4.66 2.30 -8.26
N LYS A 9 4.54 1.13 -7.64
CA LYS A 9 3.43 0.70 -6.77
C LYS A 9 3.95 0.18 -5.43
N GLN A 10 3.06 0.07 -4.44
CA GLN A 10 3.39 -0.30 -3.06
C GLN A 10 2.78 -1.65 -2.66
N HIS A 11 3.32 -2.26 -1.60
CA HIS A 11 2.74 -3.44 -0.94
C HIS A 11 2.66 -3.26 0.58
N CYS A 12 1.69 -3.94 1.21
CA CYS A 12 1.56 -4.01 2.65
C CYS A 12 2.80 -4.65 3.30
N ARG A 13 3.21 -4.05 4.41
CA ARG A 13 4.37 -4.45 5.21
C ARG A 13 4.06 -5.67 6.09
N PHE A 14 2.77 -5.86 6.39
CA PHE A 14 2.26 -6.83 7.35
C PHE A 14 1.52 -8.04 6.73
N CYS A 15 0.86 -7.86 5.56
CA CYS A 15 0.14 -8.94 4.85
C CYS A 15 0.41 -9.04 3.33
N LYS A 16 1.33 -8.21 2.80
CA LYS A 16 1.86 -8.24 1.41
C LYS A 16 0.84 -8.01 0.28
N LYS A 17 -0.36 -7.52 0.58
CA LYS A 17 -1.35 -7.04 -0.41
C LYS A 17 -0.80 -5.86 -1.20
N LYS A 18 -1.21 -5.72 -2.46
CA LYS A 18 -0.66 -4.73 -3.41
C LYS A 18 -1.59 -3.53 -3.61
N TYR A 19 -1.01 -2.31 -3.64
CA TYR A 19 -1.71 -1.03 -3.71
C TYR A 19 -1.08 -0.08 -4.75
N SER A 20 -1.92 0.55 -5.58
CA SER A 20 -1.48 1.49 -6.63
C SER A 20 -1.04 2.87 -6.09
N ASP A 21 -1.39 3.20 -4.85
CA ASP A 21 -1.06 4.48 -4.18
C ASP A 21 -0.67 4.25 -2.71
N VAL A 22 0.31 5.00 -2.21
CA VAL A 22 0.76 4.94 -0.81
C VAL A 22 -0.33 5.35 0.18
N LYS A 23 -1.23 6.27 -0.23
CA LYS A 23 -2.40 6.68 0.57
C LYS A 23 -3.40 5.53 0.76
N ASN A 24 -3.62 4.71 -0.27
CA ASN A 24 -4.48 3.52 -0.17
C ASN A 24 -3.85 2.44 0.70
N LEU A 25 -2.52 2.26 0.63
CA LEU A 25 -1.77 1.42 1.57
C LEU A 25 -1.92 1.91 3.02
N ILE A 26 -1.75 3.20 3.28
CA ILE A 26 -1.86 3.77 4.64
C ILE A 26 -3.28 3.60 5.20
N LYS A 27 -4.32 3.81 4.38
CA LYS A 27 -5.72 3.55 4.76
C LYS A 27 -5.98 2.07 5.06
N HIS A 28 -5.37 1.15 4.30
CA HIS A 28 -5.39 -0.29 4.62
C HIS A 28 -4.68 -0.58 5.96
N ILE A 29 -3.49 -0.02 6.19
CA ILE A 29 -2.72 -0.21 7.43
C ILE A 29 -3.55 0.20 8.64
N ARG A 30 -4.12 1.40 8.67
CA ARG A 30 -4.90 1.90 9.82
C ARG A 30 -6.26 1.21 10.03
N ASP A 31 -6.73 0.42 9.06
CA ASP A 31 -7.93 -0.41 9.17
C ASP A 31 -7.63 -1.84 9.64
N ALA A 32 -6.56 -2.46 9.10
CA ALA A 32 -6.25 -3.89 9.26
C ALA A 32 -5.16 -4.21 10.30
N HIS A 33 -4.23 -3.28 10.57
CA HIS A 33 -3.02 -3.53 11.37
C HIS A 33 -2.78 -2.48 12.48
N ASP A 34 -3.05 -1.21 12.20
CA ASP A 34 -3.00 -0.03 13.09
C ASP A 34 -1.77 0.01 14.05
N PRO A 35 -0.53 0.05 13.53
CA PRO A 35 0.69 0.01 14.34
C PRO A 35 0.98 1.33 15.07
N GLN A 36 0.73 2.48 14.44
CA GLN A 36 0.98 3.84 14.96
C GLN A 36 -0.05 4.87 14.44
N ASP A 37 -0.18 4.98 13.10
CA ASP A 37 -1.00 5.98 12.39
C ASP A 37 -1.45 5.50 10.99
ZN ZN B . -1.95 -5.45 5.28
N GLY A 1 16.59 16.98 -8.75
CA GLY A 1 15.75 18.04 -8.16
C GLY A 1 15.28 17.66 -6.76
N SER A 2 15.15 18.64 -5.86
CA SER A 2 14.85 18.46 -4.43
C SER A 2 13.48 17.82 -4.12
N SER A 3 12.56 17.82 -5.09
CA SER A 3 11.25 17.15 -5.01
C SER A 3 11.30 15.62 -5.20
N GLY A 4 12.44 15.08 -5.66
CA GLY A 4 12.64 13.65 -5.90
C GLY A 4 11.87 13.09 -7.12
N SER A 5 11.84 11.75 -7.23
CA SER A 5 11.24 11.01 -8.36
C SER A 5 10.47 9.77 -7.88
N SER A 6 9.40 9.42 -8.60
CA SER A 6 8.59 8.22 -8.37
C SER A 6 9.29 6.94 -8.84
N GLY A 7 8.89 5.77 -8.30
CA GLY A 7 9.39 4.46 -8.74
C GLY A 7 9.14 3.29 -7.77
N ILE A 8 8.91 3.56 -6.48
CA ILE A 8 8.66 2.52 -5.47
C ILE A 8 7.23 1.95 -5.61
N LYS A 9 7.12 0.64 -5.85
CA LYS A 9 5.84 -0.08 -5.94
C LYS A 9 5.22 -0.26 -4.54
N GLN A 10 3.94 0.04 -4.41
CA GLN A 10 3.25 0.07 -3.12
C GLN A 10 2.63 -1.30 -2.78
N HIS A 11 3.07 -1.89 -1.67
CA HIS A 11 2.50 -3.12 -1.09
C HIS A 11 2.49 -3.07 0.44
N CYS A 12 1.57 -3.82 1.05
CA CYS A 12 1.45 -3.96 2.50
C CYS A 12 2.72 -4.54 3.13
N ARG A 13 3.02 -4.01 4.31
CA ARG A 13 4.16 -4.38 5.17
C ARG A 13 3.89 -5.66 5.96
N PHE A 14 2.61 -5.94 6.23
CA PHE A 14 2.16 -6.97 7.19
C PHE A 14 1.40 -8.15 6.55
N CYS A 15 0.68 -7.93 5.44
CA CYS A 15 -0.03 -8.98 4.69
C CYS A 15 0.32 -9.06 3.17
N LYS A 16 1.31 -8.28 2.73
CA LYS A 16 1.96 -8.30 1.41
C LYS A 16 1.05 -8.09 0.18
N LYS A 17 -0.18 -7.60 0.39
CA LYS A 17 -1.13 -7.19 -0.66
C LYS A 17 -0.61 -6.02 -1.48
N LYS A 18 -0.93 -5.99 -2.77
CA LYS A 18 -0.54 -4.93 -3.72
C LYS A 18 -1.55 -3.78 -3.72
N TYR A 19 -1.05 -2.54 -3.82
CA TYR A 19 -1.86 -1.32 -3.69
C TYR A 19 -1.64 -0.32 -4.84
N SER A 20 -2.70 0.40 -5.19
CA SER A 20 -2.76 1.36 -6.30
C SER A 20 -2.14 2.74 -5.98
N ASP A 21 -2.11 3.12 -4.70
CA ASP A 21 -1.60 4.40 -4.22
C ASP A 21 -1.09 4.26 -2.77
N VAL A 22 -0.08 5.05 -2.39
CA VAL A 22 0.46 5.06 -1.01
C VAL A 22 -0.57 5.48 0.03
N LYS A 23 -1.52 6.35 -0.34
CA LYS A 23 -2.64 6.77 0.52
C LYS A 23 -3.64 5.63 0.74
N ASN A 24 -3.92 4.83 -0.29
CA ASN A 24 -4.77 3.64 -0.20
C ASN A 24 -4.12 2.57 0.68
N LEU A 25 -2.79 2.37 0.53
CA LEU A 25 -1.99 1.51 1.40
C LEU A 25 -1.99 1.98 2.87
N ILE A 26 -1.80 3.27 3.13
CA ILE A 26 -1.82 3.82 4.50
C ILE A 26 -3.20 3.67 5.14
N LYS A 27 -4.29 3.91 4.38
CA LYS A 27 -5.67 3.68 4.84
C LYS A 27 -5.94 2.20 5.14
N HIS A 28 -5.37 1.27 4.38
CA HIS A 28 -5.38 -0.17 4.71
C HIS A 28 -4.63 -0.46 6.02
N ILE A 29 -3.42 0.07 6.21
CA ILE A 29 -2.62 -0.17 7.42
C ILE A 29 -3.37 0.30 8.68
N ARG A 30 -3.90 1.52 8.70
CA ARG A 30 -4.59 2.08 9.88
C ARG A 30 -5.95 1.41 10.18
N ASP A 31 -6.50 0.63 9.25
CA ASP A 31 -7.74 -0.13 9.43
C ASP A 31 -7.51 -1.60 9.81
N ALA A 32 -6.53 -2.26 9.17
CA ALA A 32 -6.31 -3.70 9.26
C ALA A 32 -5.17 -4.13 10.21
N HIS A 33 -4.18 -3.26 10.48
CA HIS A 33 -2.96 -3.63 11.21
C HIS A 33 -2.61 -2.68 12.38
N ASP A 34 -2.91 -1.38 12.24
CA ASP A 34 -2.76 -0.30 13.23
C ASP A 34 -1.55 -0.44 14.19
N PRO A 35 -0.30 -0.32 13.68
CA PRO A 35 0.92 -0.57 14.45
C PRO A 35 1.13 0.42 15.61
N GLN A 36 1.95 0.02 16.58
CA GLN A 36 2.38 0.81 17.75
C GLN A 36 3.91 0.94 17.85
N ASP A 37 4.61 0.74 16.72
CA ASP A 37 6.08 0.76 16.59
C ASP A 37 6.56 1.40 15.28
ZN ZN B . -2.06 -5.48 5.06
N GLY A 1 -7.40 9.13 -14.60
CA GLY A 1 -6.40 8.04 -14.62
C GLY A 1 -5.13 8.42 -13.86
N SER A 2 -4.35 7.43 -13.45
CA SER A 2 -3.14 7.57 -12.59
C SER A 2 -1.88 8.02 -13.36
N SER A 3 -2.03 8.88 -14.36
CA SER A 3 -0.96 9.36 -15.24
C SER A 3 0.21 9.98 -14.47
N GLY A 4 1.42 9.50 -14.71
CA GLY A 4 2.65 9.88 -13.98
C GLY A 4 2.84 9.20 -12.61
N SER A 5 1.80 8.56 -12.05
CA SER A 5 1.85 7.84 -10.76
C SER A 5 1.97 6.32 -10.94
N SER A 6 1.50 5.76 -12.05
CA SER A 6 1.59 4.31 -12.36
C SER A 6 3.02 3.76 -12.47
N GLY A 7 4.03 4.64 -12.60
CA GLY A 7 5.45 4.27 -12.64
C GLY A 7 6.02 3.71 -11.33
N ILE A 8 5.30 3.84 -10.21
CA ILE A 8 5.61 3.20 -8.92
C ILE A 8 4.46 2.28 -8.46
N LYS A 9 4.81 1.25 -7.68
CA LYS A 9 3.89 0.26 -7.08
C LYS A 9 4.13 0.17 -5.56
N GLN A 10 3.12 -0.27 -4.81
CA GLN A 10 3.22 -0.50 -3.36
C GLN A 10 2.68 -1.88 -2.95
N HIS A 11 3.23 -2.44 -1.88
CA HIS A 11 2.69 -3.63 -1.20
C HIS A 11 2.62 -3.39 0.31
N CYS A 12 1.69 -4.05 1.00
CA CYS A 12 1.55 -3.97 2.45
C CYS A 12 2.81 -4.46 3.18
N ARG A 13 3.11 -3.77 4.28
CA ARG A 13 4.25 -4.02 5.16
C ARG A 13 4.03 -5.29 6.01
N PHE A 14 2.76 -5.61 6.27
CA PHE A 14 2.33 -6.64 7.23
C PHE A 14 1.69 -7.88 6.60
N CYS A 15 1.02 -7.76 5.44
CA CYS A 15 0.37 -8.87 4.72
C CYS A 15 0.69 -8.97 3.22
N LYS A 16 1.57 -8.08 2.70
CA LYS A 16 2.08 -8.04 1.31
C LYS A 16 1.02 -7.93 0.20
N LYS A 17 -0.20 -7.50 0.52
CA LYS A 17 -1.26 -7.13 -0.44
C LYS A 17 -0.81 -5.98 -1.33
N LYS A 18 -1.05 -6.08 -2.64
CA LYS A 18 -0.70 -5.02 -3.61
C LYS A 18 -1.66 -3.83 -3.52
N TYR A 19 -1.11 -2.61 -3.58
CA TYR A 19 -1.83 -1.34 -3.50
C TYR A 19 -1.40 -0.33 -4.59
N SER A 20 -2.34 0.50 -5.03
CA SER A 20 -2.19 1.43 -6.16
C SER A 20 -1.45 2.73 -5.81
N ASP A 21 -1.46 3.13 -4.54
CA ASP A 21 -0.83 4.35 -4.02
C ASP A 21 -0.45 4.17 -2.54
N VAL A 22 0.59 4.88 -2.06
CA VAL A 22 1.03 4.80 -0.66
C VAL A 22 -0.06 5.22 0.33
N LYS A 23 -0.90 6.21 -0.01
CA LYS A 23 -2.00 6.65 0.86
C LYS A 23 -3.16 5.65 0.89
N ASN A 24 -3.42 4.95 -0.21
CA ASN A 24 -4.36 3.81 -0.23
C ASN A 24 -3.83 2.65 0.63
N LEU A 25 -2.51 2.45 0.69
CA LEU A 25 -1.88 1.54 1.64
C LEU A 25 -1.97 2.06 3.10
N ILE A 26 -1.79 3.35 3.37
CA ILE A 26 -2.00 3.92 4.71
C ILE A 26 -3.44 3.67 5.19
N LYS A 27 -4.43 3.87 4.31
CA LYS A 27 -5.87 3.59 4.56
C LYS A 27 -6.13 2.12 4.87
N HIS A 28 -5.36 1.19 4.29
CA HIS A 28 -5.38 -0.23 4.65
C HIS A 28 -4.72 -0.50 6.02
N ILE A 29 -3.53 0.07 6.26
CA ILE A 29 -2.77 -0.11 7.51
C ILE A 29 -3.58 0.37 8.73
N ARG A 30 -4.20 1.55 8.66
CA ARG A 30 -5.01 2.12 9.75
C ARG A 30 -6.33 1.39 10.03
N ASP A 31 -6.71 0.43 9.19
CA ASP A 31 -7.90 -0.40 9.36
C ASP A 31 -7.56 -1.87 9.75
N ALA A 32 -6.57 -2.47 9.09
CA ALA A 32 -6.22 -3.88 9.23
C ALA A 32 -5.03 -4.18 10.17
N HIS A 33 -4.14 -3.20 10.41
CA HIS A 33 -2.86 -3.39 11.12
C HIS A 33 -2.57 -2.28 12.16
N ASP A 34 -3.59 -1.53 12.58
CA ASP A 34 -3.47 -0.33 13.41
C ASP A 34 -2.77 -0.61 14.76
N PRO A 35 -1.61 0.03 15.05
CA PRO A 35 -0.79 -0.24 16.23
C PRO A 35 -1.37 0.33 17.54
N GLN A 36 -0.90 -0.20 18.67
CA GLN A 36 -1.33 0.16 20.02
C GLN A 36 -0.80 1.51 20.54
N ASP A 37 0.14 2.15 19.83
CA ASP A 37 0.80 3.42 20.18
C ASP A 37 1.05 4.32 18.95
ZN ZN B . -1.94 -5.49 5.09
N GLY A 1 -0.20 -4.56 -28.70
CA GLY A 1 1.04 -3.93 -29.22
C GLY A 1 2.11 -3.83 -28.15
N SER A 2 2.97 -2.81 -28.23
CA SER A 2 4.08 -2.57 -27.29
C SER A 2 3.60 -2.16 -25.89
N SER A 3 4.43 -2.40 -24.87
CA SER A 3 4.16 -2.05 -23.46
C SER A 3 4.05 -0.53 -23.24
N GLY A 4 3.23 -0.12 -22.27
CA GLY A 4 2.93 1.29 -21.97
C GLY A 4 2.41 1.55 -20.56
N SER A 5 2.84 0.73 -19.59
CA SER A 5 2.39 0.80 -18.18
C SER A 5 2.75 2.11 -17.48
N SER A 6 1.90 2.53 -16.53
CA SER A 6 2.01 3.81 -15.80
C SER A 6 1.53 3.71 -14.35
N GLY A 7 1.77 4.76 -13.55
CA GLY A 7 1.41 4.83 -12.13
C GLY A 7 2.43 4.21 -11.17
N ILE A 8 2.12 4.26 -9.87
CA ILE A 8 2.98 3.81 -8.77
C ILE A 8 2.56 2.40 -8.30
N LYS A 9 3.50 1.65 -7.71
CA LYS A 9 3.25 0.35 -7.04
C LYS A 9 3.82 0.34 -5.62
N GLN A 10 3.01 -0.07 -4.65
CA GLN A 10 3.35 -0.19 -3.23
C GLN A 10 2.89 -1.54 -2.65
N HIS A 11 3.48 -1.99 -1.55
CA HIS A 11 3.03 -3.20 -0.83
C HIS A 11 2.95 -3.03 0.69
N CYS A 12 2.05 -3.81 1.31
CA CYS A 12 1.91 -3.93 2.76
C CYS A 12 3.12 -4.65 3.40
N ARG A 13 3.39 -4.29 4.64
CA ARG A 13 4.44 -4.86 5.51
C ARG A 13 3.96 -6.08 6.31
N PHE A 14 2.65 -6.20 6.53
CA PHE A 14 2.05 -7.13 7.48
C PHE A 14 1.27 -8.29 6.85
N CYS A 15 0.68 -8.09 5.66
CA CYS A 15 -0.08 -9.10 4.90
C CYS A 15 0.33 -9.24 3.41
N LYS A 16 1.32 -8.47 2.97
CA LYS A 16 1.90 -8.45 1.60
C LYS A 16 0.92 -8.13 0.46
N LYS A 17 -0.25 -7.54 0.76
CA LYS A 17 -1.15 -6.96 -0.26
C LYS A 17 -0.46 -5.84 -1.03
N LYS A 18 -0.98 -5.53 -2.21
CA LYS A 18 -0.38 -4.61 -3.20
C LYS A 18 -1.36 -3.53 -3.65
N TYR A 19 -0.85 -2.30 -3.76
CA TYR A 19 -1.60 -1.06 -3.95
C TYR A 19 -1.02 -0.16 -5.04
N SER A 20 -1.89 0.60 -5.70
CA SER A 20 -1.55 1.59 -6.75
C SER A 20 -1.17 2.98 -6.21
N ASP A 21 -1.37 3.23 -4.91
CA ASP A 21 -1.08 4.51 -4.25
C ASP A 21 -0.74 4.30 -2.77
N VAL A 22 0.24 5.05 -2.25
CA VAL A 22 0.70 4.94 -0.85
C VAL A 22 -0.37 5.36 0.15
N LYS A 23 -1.27 6.28 -0.21
CA LYS A 23 -2.38 6.72 0.63
C LYS A 23 -3.44 5.62 0.77
N ASN A 24 -3.72 4.87 -0.30
CA ASN A 24 -4.62 3.71 -0.26
C ASN A 24 -4.03 2.58 0.62
N LEU A 25 -2.71 2.35 0.51
CA LEU A 25 -1.96 1.47 1.41
C LEU A 25 -2.04 1.92 2.88
N ILE A 26 -1.88 3.22 3.18
CA ILE A 26 -1.95 3.73 4.55
C ILE A 26 -3.38 3.63 5.12
N LYS A 27 -4.42 3.87 4.32
CA LYS A 27 -5.82 3.63 4.69
C LYS A 27 -6.10 2.14 4.98
N HIS A 28 -5.44 1.23 4.28
CA HIS A 28 -5.44 -0.20 4.60
C HIS A 28 -4.72 -0.49 5.93
N ILE A 29 -3.48 -0.02 6.12
CA ILE A 29 -2.69 -0.26 7.34
C ILE A 29 -3.44 0.20 8.59
N ARG A 30 -3.96 1.43 8.60
CA ARG A 30 -4.64 2.02 9.77
C ARG A 30 -6.01 1.40 10.10
N ASP A 31 -6.55 0.55 9.23
CA ASP A 31 -7.79 -0.19 9.43
C ASP A 31 -7.56 -1.67 9.78
N ALA A 32 -6.61 -2.32 9.07
CA ALA A 32 -6.37 -3.76 9.14
C ALA A 32 -5.29 -4.20 10.14
N HIS A 33 -4.32 -3.31 10.46
CA HIS A 33 -3.13 -3.66 11.25
C HIS A 33 -2.87 -2.70 12.43
N ASP A 34 -2.96 -1.39 12.17
CA ASP A 34 -2.84 -0.27 13.12
C ASP A 34 -1.83 -0.48 14.29
N PRO A 35 -0.51 -0.44 14.00
CA PRO A 35 0.54 -0.58 15.01
C PRO A 35 0.38 0.43 16.16
N GLN A 36 0.57 -0.03 17.40
CA GLN A 36 0.41 0.77 18.62
C GLN A 36 1.73 1.45 19.07
N ASP A 37 2.74 1.50 18.19
CA ASP A 37 4.08 2.07 18.46
C ASP A 37 4.11 3.61 18.44
ZN ZN B . -1.84 -5.34 5.10
N GLY A 1 12.41 2.29 -22.73
CA GLY A 1 11.02 1.87 -22.99
C GLY A 1 10.02 2.65 -22.14
N SER A 2 8.83 2.91 -22.67
CA SER A 2 7.79 3.74 -22.02
C SER A 2 7.21 3.14 -20.73
N SER A 3 7.36 1.82 -20.51
CA SER A 3 7.04 1.14 -19.26
C SER A 3 7.85 1.66 -18.06
N GLY A 4 9.05 2.21 -18.30
CA GLY A 4 9.90 2.86 -17.28
C GLY A 4 9.32 4.17 -16.72
N SER A 5 8.30 4.76 -17.38
CA SER A 5 7.60 5.96 -16.92
C SER A 5 6.42 5.67 -15.97
N SER A 6 6.11 4.39 -15.70
CA SER A 6 5.06 3.99 -14.76
C SER A 6 5.43 4.31 -13.30
N GLY A 7 4.44 4.64 -12.47
CA GLY A 7 4.61 4.98 -11.05
C GLY A 7 5.06 3.78 -10.20
N ILE A 8 5.76 4.05 -9.09
CA ILE A 8 6.28 3.01 -8.18
C ILE A 8 5.13 2.37 -7.40
N LYS A 9 4.95 1.06 -7.56
CA LYS A 9 3.88 0.29 -6.90
C LYS A 9 4.21 0.05 -5.41
N GLN A 10 3.16 -0.02 -4.59
CA GLN A 10 3.24 -0.06 -3.12
C GLN A 10 2.76 -1.41 -2.57
N HIS A 11 3.25 -1.84 -1.40
CA HIS A 11 2.78 -3.07 -0.75
C HIS A 11 2.66 -2.96 0.78
N CYS A 12 1.75 -3.75 1.35
CA CYS A 12 1.61 -3.95 2.79
C CYS A 12 2.84 -4.65 3.39
N ARG A 13 3.22 -4.22 4.59
CA ARG A 13 4.31 -4.79 5.41
C ARG A 13 3.85 -6.03 6.18
N PHE A 14 2.55 -6.14 6.47
CA PHE A 14 1.99 -7.12 7.41
C PHE A 14 1.22 -8.27 6.76
N CYS A 15 0.57 -8.03 5.59
CA CYS A 15 -0.15 -9.05 4.81
C CYS A 15 0.21 -9.12 3.31
N LYS A 16 1.23 -8.33 2.89
CA LYS A 16 1.87 -8.35 1.55
C LYS A 16 0.96 -8.09 0.34
N LYS A 17 -0.24 -7.53 0.57
CA LYS A 17 -1.14 -7.01 -0.47
C LYS A 17 -0.51 -5.86 -1.24
N LYS A 18 -0.88 -5.69 -2.51
CA LYS A 18 -0.29 -4.70 -3.44
C LYS A 18 -1.29 -3.61 -3.83
N TYR A 19 -0.80 -2.37 -3.92
CA TYR A 19 -1.56 -1.13 -4.11
C TYR A 19 -0.91 -0.20 -5.14
N SER A 20 -1.72 0.52 -5.92
CA SER A 20 -1.26 1.52 -6.89
C SER A 20 -1.02 2.92 -6.29
N ASP A 21 -1.33 3.11 -5.00
CA ASP A 21 -1.28 4.38 -4.28
C ASP A 21 -0.90 4.18 -2.80
N VAL A 22 -0.02 5.04 -2.30
CA VAL A 22 0.47 5.00 -0.90
C VAL A 22 -0.60 5.43 0.11
N LYS A 23 -1.53 6.31 -0.27
CA LYS A 23 -2.62 6.75 0.62
C LYS A 23 -3.64 5.63 0.84
N ASN A 24 -4.02 4.90 -0.21
CA ASN A 24 -4.83 3.69 -0.11
C ASN A 24 -4.15 2.60 0.73
N LEU A 25 -2.83 2.42 0.59
CA LEU A 25 -2.04 1.53 1.45
C LEU A 25 -2.08 1.97 2.93
N ILE A 26 -1.91 3.26 3.23
CA ILE A 26 -1.94 3.76 4.62
C ILE A 26 -3.34 3.63 5.23
N LYS A 27 -4.40 3.86 4.44
CA LYS A 27 -5.80 3.61 4.84
C LYS A 27 -6.06 2.13 5.12
N HIS A 28 -5.45 1.21 4.37
CA HIS A 28 -5.45 -0.22 4.67
C HIS A 28 -4.72 -0.53 5.99
N ILE A 29 -3.48 -0.04 6.16
CA ILE A 29 -2.67 -0.28 7.36
C ILE A 29 -3.39 0.16 8.63
N ARG A 30 -3.91 1.41 8.68
CA ARG A 30 -4.57 1.96 9.87
C ARG A 30 -5.93 1.34 10.22
N ASP A 31 -6.51 0.57 9.29
CA ASP A 31 -7.75 -0.18 9.51
C ASP A 31 -7.50 -1.65 9.89
N ALA A 32 -6.57 -2.31 9.21
CA ALA A 32 -6.33 -3.75 9.30
C ALA A 32 -5.22 -4.17 10.29
N HIS A 33 -4.24 -3.30 10.57
CA HIS A 33 -3.03 -3.64 11.32
C HIS A 33 -2.70 -2.64 12.45
N ASP A 34 -2.83 -1.34 12.17
CA ASP A 34 -2.63 -0.20 13.09
C ASP A 34 -1.41 -0.34 14.04
N PRO A 35 -0.18 -0.40 13.50
CA PRO A 35 1.05 -0.64 14.28
C PRO A 35 1.39 0.53 15.22
N GLN A 36 2.11 0.22 16.30
CA GLN A 36 2.52 1.17 17.35
C GLN A 36 3.73 2.04 16.97
N ASP A 37 4.39 1.76 15.83
CA ASP A 37 5.61 2.43 15.33
C ASP A 37 5.63 2.55 13.80
ZN ZN B . -2.04 -5.46 5.17
N GLY A 1 -10.55 -0.20 -15.92
CA GLY A 1 -9.40 0.75 -16.01
C GLY A 1 -8.16 0.08 -16.58
N SER A 2 -7.00 0.71 -16.38
CA SER A 2 -5.69 0.23 -16.87
C SER A 2 -4.53 0.63 -15.92
N SER A 3 -3.36 0.02 -16.12
CA SER A 3 -2.15 0.23 -15.30
C SER A 3 -1.40 1.52 -15.68
N GLY A 4 -2.06 2.68 -15.47
CA GLY A 4 -1.52 4.01 -15.75
C GLY A 4 -0.32 4.41 -14.88
N SER A 5 0.39 5.47 -15.28
CA SER A 5 1.63 5.94 -14.63
C SER A 5 1.43 6.59 -13.25
N SER A 6 0.24 7.16 -12.98
CA SER A 6 -0.08 7.87 -11.73
C SER A 6 -0.19 6.93 -10.52
N GLY A 7 0.06 7.47 -9.32
CA GLY A 7 0.08 6.74 -8.04
C GLY A 7 1.39 5.96 -7.79
N ILE A 8 1.81 5.92 -6.51
CA ILE A 8 3.05 5.26 -6.06
C ILE A 8 2.76 3.80 -5.71
N LYS A 9 3.13 2.86 -6.60
CA LYS A 9 2.85 1.42 -6.43
C LYS A 9 3.61 0.86 -5.21
N GLN A 10 2.88 0.21 -4.30
CA GLN A 10 3.36 -0.22 -2.98
C GLN A 10 2.78 -1.59 -2.56
N HIS A 11 3.39 -2.22 -1.55
CA HIS A 11 2.84 -3.40 -0.88
C HIS A 11 2.84 -3.28 0.65
N CYS A 12 1.90 -3.96 1.30
CA CYS A 12 1.79 -4.06 2.75
C CYS A 12 3.01 -4.75 3.39
N ARG A 13 3.37 -4.29 4.58
CA ARG A 13 4.45 -4.81 5.43
C ARG A 13 4.02 -6.04 6.24
N PHE A 14 2.72 -6.19 6.48
CA PHE A 14 2.14 -7.14 7.44
C PHE A 14 1.36 -8.30 6.80
N CYS A 15 0.76 -8.08 5.63
CA CYS A 15 0.01 -9.11 4.86
C CYS A 15 0.37 -9.19 3.35
N LYS A 16 1.33 -8.37 2.89
CA LYS A 16 1.90 -8.33 1.52
C LYS A 16 0.91 -8.05 0.38
N LYS A 17 -0.30 -7.57 0.68
CA LYS A 17 -1.26 -7.04 -0.31
C LYS A 17 -0.69 -5.85 -1.07
N LYS A 18 -1.04 -5.73 -2.36
CA LYS A 18 -0.51 -4.70 -3.28
C LYS A 18 -1.52 -3.57 -3.52
N TYR A 19 -1.01 -2.33 -3.57
CA TYR A 19 -1.80 -1.10 -3.69
C TYR A 19 -1.21 -0.14 -4.76
N SER A 20 -2.09 0.50 -5.53
CA SER A 20 -1.71 1.40 -6.64
C SER A 20 -1.17 2.77 -6.17
N ASP A 21 -1.40 3.13 -4.90
CA ASP A 21 -0.83 4.32 -4.27
C ASP A 21 -0.50 4.09 -2.79
N VAL A 22 0.50 4.82 -2.28
CA VAL A 22 0.91 4.78 -0.86
C VAL A 22 -0.20 5.22 0.10
N LYS A 23 -1.06 6.17 -0.29
CA LYS A 23 -2.22 6.58 0.52
C LYS A 23 -3.28 5.48 0.61
N ASN A 24 -3.48 4.70 -0.46
CA ASN A 24 -4.37 3.52 -0.42
C ASN A 24 -3.79 2.41 0.47
N LEU A 25 -2.47 2.22 0.46
CA LEU A 25 -1.80 1.35 1.43
C LEU A 25 -1.97 1.85 2.87
N ILE A 26 -1.81 3.15 3.15
CA ILE A 26 -1.94 3.70 4.50
C ILE A 26 -3.39 3.58 5.01
N LYS A 27 -4.39 3.78 4.14
CA LYS A 27 -5.82 3.53 4.44
C LYS A 27 -6.10 2.05 4.77
N HIS A 28 -5.38 1.12 4.15
CA HIS A 28 -5.39 -0.30 4.53
C HIS A 28 -4.73 -0.53 5.89
N ILE A 29 -3.50 -0.03 6.10
CA ILE A 29 -2.73 -0.23 7.36
C ILE A 29 -3.53 0.27 8.56
N ARG A 30 -4.07 1.50 8.53
CA ARG A 30 -4.79 2.12 9.65
C ARG A 30 -6.13 1.45 10.00
N ASP A 31 -6.64 0.57 9.13
CA ASP A 31 -7.86 -0.22 9.35
C ASP A 31 -7.56 -1.68 9.75
N ALA A 32 -6.59 -2.32 9.09
CA ALA A 32 -6.31 -3.75 9.20
C ALA A 32 -5.21 -4.13 10.22
N HIS A 33 -4.26 -3.23 10.51
CA HIS A 33 -3.06 -3.52 11.30
C HIS A 33 -2.79 -2.50 12.42
N ASP A 34 -2.93 -1.20 12.10
CA ASP A 34 -2.73 -0.02 12.97
C ASP A 34 -1.59 -0.14 14.01
N PRO A 35 -0.31 -0.13 13.56
CA PRO A 35 0.87 -0.23 14.42
C PRO A 35 0.95 0.83 15.53
N GLN A 36 1.56 0.46 16.66
CA GLN A 36 1.76 1.34 17.82
C GLN A 36 2.98 2.29 17.70
N ASP A 37 3.77 2.17 16.63
CA ASP A 37 5.02 2.92 16.33
C ASP A 37 6.03 2.99 17.51
ZN ZN B . -1.86 -5.48 5.23
N GLY A 1 12.95 -0.39 -24.26
CA GLY A 1 13.32 1.03 -24.13
C GLY A 1 14.30 1.25 -22.98
N SER A 2 15.27 2.15 -23.17
CA SER A 2 16.42 2.34 -22.24
C SER A 2 16.04 2.88 -20.85
N SER A 3 14.83 3.41 -20.67
CA SER A 3 14.27 3.82 -19.37
C SER A 3 13.84 2.64 -18.48
N GLY A 4 13.69 1.44 -19.04
CA GLY A 4 13.14 0.26 -18.36
C GLY A 4 11.62 0.32 -18.10
N SER A 5 10.92 1.32 -18.64
CA SER A 5 9.48 1.56 -18.45
C SER A 5 9.05 1.59 -16.95
N SER A 6 9.86 2.22 -16.11
CA SER A 6 9.69 2.26 -14.65
C SER A 6 8.46 3.07 -14.18
N GLY A 7 7.99 2.79 -12.97
CA GLY A 7 6.84 3.44 -12.32
C GLY A 7 6.67 2.99 -10.86
N ILE A 8 5.76 3.66 -10.13
CA ILE A 8 5.52 3.41 -8.69
C ILE A 8 4.68 2.14 -8.43
N LYS A 9 4.95 1.49 -7.29
CA LYS A 9 4.20 0.35 -6.73
C LYS A 9 4.30 0.37 -5.20
N GLN A 10 3.22 0.00 -4.50
CA GLN A 10 3.14 0.00 -3.03
C GLN A 10 2.60 -1.35 -2.51
N HIS A 11 3.17 -1.85 -1.40
CA HIS A 11 2.73 -3.10 -0.77
C HIS A 11 2.73 -3.02 0.77
N CYS A 12 1.85 -3.82 1.38
CA CYS A 12 1.78 -4.04 2.82
C CYS A 12 3.02 -4.78 3.36
N ARG A 13 3.41 -4.41 4.57
CA ARG A 13 4.50 -5.03 5.35
C ARG A 13 4.04 -6.25 6.16
N PHE A 14 2.74 -6.34 6.45
CA PHE A 14 2.17 -7.27 7.42
C PHE A 14 1.36 -8.42 6.82
N CYS A 15 0.72 -8.20 5.65
CA CYS A 15 -0.06 -9.21 4.91
C CYS A 15 0.28 -9.31 3.40
N LYS A 16 1.26 -8.53 2.93
CA LYS A 16 1.83 -8.52 1.57
C LYS A 16 0.85 -8.19 0.42
N LYS A 17 -0.33 -7.63 0.74
CA LYS A 17 -1.27 -7.03 -0.24
C LYS A 17 -0.63 -5.86 -0.98
N LYS A 18 -1.20 -5.50 -2.13
CA LYS A 18 -0.61 -4.56 -3.10
C LYS A 18 -1.61 -3.48 -3.53
N TYR A 19 -1.14 -2.23 -3.59
CA TYR A 19 -1.96 -1.03 -3.75
C TYR A 19 -1.40 -0.05 -4.80
N SER A 20 -2.30 0.75 -5.37
CA SER A 20 -2.05 1.71 -6.46
C SER A 20 -1.45 3.06 -6.01
N ASP A 21 -1.55 3.38 -4.72
CA ASP A 21 -1.08 4.64 -4.11
C ASP A 21 -0.65 4.38 -2.66
N VAL A 22 0.33 5.13 -2.15
CA VAL A 22 0.73 5.09 -0.75
C VAL A 22 -0.41 5.51 0.18
N LYS A 23 -1.31 6.38 -0.29
CA LYS A 23 -2.54 6.78 0.41
C LYS A 23 -3.48 5.60 0.61
N ASN A 24 -3.66 4.77 -0.42
CA ASN A 24 -4.50 3.57 -0.40
C ASN A 24 -3.87 2.47 0.48
N LEU A 25 -2.55 2.31 0.44
CA LEU A 25 -1.80 1.45 1.36
C LEU A 25 -1.97 1.89 2.83
N ILE A 26 -1.85 3.18 3.12
CA ILE A 26 -2.01 3.69 4.50
C ILE A 26 -3.46 3.53 4.99
N LYS A 27 -4.47 3.72 4.12
CA LYS A 27 -5.89 3.46 4.43
C LYS A 27 -6.14 1.97 4.74
N HIS A 28 -5.44 1.06 4.08
CA HIS A 28 -5.43 -0.36 4.44
C HIS A 28 -4.77 -0.58 5.81
N ILE A 29 -3.55 -0.08 6.03
CA ILE A 29 -2.79 -0.25 7.28
C ILE A 29 -3.59 0.24 8.49
N ARG A 30 -4.15 1.46 8.45
CA ARG A 30 -4.87 2.05 9.60
C ARG A 30 -6.17 1.33 10.00
N ASP A 31 -6.71 0.48 9.12
CA ASP A 31 -7.87 -0.38 9.41
C ASP A 31 -7.47 -1.83 9.78
N ALA A 32 -6.45 -2.40 9.12
CA ALA A 32 -6.11 -3.82 9.22
C ALA A 32 -5.01 -4.15 10.25
N HIS A 33 -4.09 -3.23 10.53
CA HIS A 33 -2.87 -3.49 11.32
C HIS A 33 -2.56 -2.42 12.37
N ASP A 34 -2.75 -1.14 12.02
CA ASP A 34 -2.54 0.08 12.82
C ASP A 34 -1.31 0.06 13.77
N PRO A 35 -0.08 0.03 13.24
CA PRO A 35 1.17 0.03 14.01
C PRO A 35 1.57 1.43 14.52
N GLN A 36 0.71 2.45 14.32
CA GLN A 36 1.00 3.87 14.57
C GLN A 36 1.05 4.26 16.05
N ASP A 37 0.53 3.39 16.94
CA ASP A 37 0.46 3.59 18.41
C ASP A 37 0.74 2.30 19.20
ZN ZN B . -1.86 -5.53 5.25
N GLY A 1 1.97 -10.83 -19.50
CA GLY A 1 3.43 -10.75 -19.27
C GLY A 1 3.78 -9.85 -18.10
N SER A 2 4.90 -10.12 -17.43
CA SER A 2 5.38 -9.35 -16.26
C SER A 2 5.82 -7.93 -16.60
N SER A 3 5.70 -7.01 -15.64
CA SER A 3 6.18 -5.62 -15.74
C SER A 3 7.71 -5.50 -15.57
N GLY A 4 8.27 -4.38 -16.02
CA GLY A 4 9.70 -4.06 -15.91
C GLY A 4 10.03 -2.69 -16.50
N SER A 5 10.49 -1.76 -15.66
CA SER A 5 10.72 -0.34 -15.98
C SER A 5 9.50 0.39 -16.59
N SER A 6 8.28 -0.14 -16.35
CA SER A 6 7.02 0.28 -16.98
C SER A 6 5.97 0.83 -16.00
N GLY A 7 6.20 0.72 -14.69
CA GLY A 7 5.31 1.20 -13.62
C GLY A 7 5.74 0.72 -12.23
N ILE A 8 5.06 1.23 -11.19
CA ILE A 8 5.29 0.89 -9.77
C ILE A 8 3.97 0.70 -9.00
N LYS A 9 4.02 -0.12 -7.95
CA LYS A 9 2.98 -0.30 -6.92
C LYS A 9 3.62 -0.39 -5.53
N GLN A 10 2.85 -0.02 -4.51
CA GLN A 10 3.23 -0.14 -3.08
C GLN A 10 2.73 -1.47 -2.50
N HIS A 11 3.36 -1.99 -1.45
CA HIS A 11 2.90 -3.20 -0.75
C HIS A 11 2.84 -3.06 0.77
N CYS A 12 1.92 -3.82 1.38
CA CYS A 12 1.80 -3.98 2.83
C CYS A 12 3.03 -4.65 3.44
N ARG A 13 3.43 -4.16 4.62
CA ARG A 13 4.53 -4.68 5.46
C ARG A 13 4.11 -5.92 6.25
N PHE A 14 2.81 -6.10 6.48
CA PHE A 14 2.26 -7.09 7.41
C PHE A 14 1.50 -8.26 6.74
N CYS A 15 0.87 -8.02 5.58
CA CYS A 15 0.11 -9.04 4.83
C CYS A 15 0.39 -9.09 3.30
N LYS A 16 1.37 -8.30 2.83
CA LYS A 16 1.92 -8.27 1.45
C LYS A 16 0.94 -7.96 0.30
N LYS A 17 -0.26 -7.45 0.62
CA LYS A 17 -1.24 -6.88 -0.32
C LYS A 17 -0.66 -5.67 -1.05
N LYS A 18 -1.13 -5.40 -2.28
CA LYS A 18 -0.52 -4.43 -3.20
C LYS A 18 -1.51 -3.33 -3.62
N TYR A 19 -1.02 -2.08 -3.65
CA TYR A 19 -1.82 -0.86 -3.81
C TYR A 19 -1.20 0.10 -4.84
N SER A 20 -2.06 0.78 -5.61
CA SER A 20 -1.65 1.71 -6.69
C SER A 20 -1.12 3.06 -6.18
N ASP A 21 -1.35 3.40 -4.91
CA ASP A 21 -0.90 4.63 -4.25
C ASP A 21 -0.58 4.37 -2.78
N VAL A 22 0.40 5.07 -2.22
CA VAL A 22 0.78 4.93 -0.80
C VAL A 22 -0.33 5.41 0.15
N LYS A 23 -1.15 6.38 -0.27
CA LYS A 23 -2.30 6.85 0.54
C LYS A 23 -3.35 5.75 0.74
N ASN A 24 -3.60 4.94 -0.29
CA ASN A 24 -4.46 3.75 -0.18
C ASN A 24 -3.82 2.66 0.69
N LEU A 25 -2.49 2.52 0.66
CA LEU A 25 -1.76 1.61 1.56
C LEU A 25 -1.90 2.04 3.03
N ILE A 26 -1.70 3.32 3.40
CA ILE A 26 -1.96 3.78 4.77
C ILE A 26 -3.43 3.56 5.18
N LYS A 27 -4.40 3.77 4.26
CA LYS A 27 -5.83 3.50 4.51
C LYS A 27 -6.11 2.01 4.79
N HIS A 28 -5.36 1.11 4.17
CA HIS A 28 -5.37 -0.32 4.50
C HIS A 28 -4.74 -0.57 5.88
N ILE A 29 -3.53 -0.05 6.13
CA ILE A 29 -2.78 -0.26 7.39
C ILE A 29 -3.62 0.16 8.61
N ARG A 30 -4.20 1.37 8.61
CA ARG A 30 -4.99 1.90 9.74
C ARG A 30 -6.30 1.15 10.03
N ASP A 31 -6.76 0.32 9.09
CA ASP A 31 -7.94 -0.54 9.23
C ASP A 31 -7.59 -1.97 9.65
N ALA A 32 -6.54 -2.54 9.05
CA ALA A 32 -6.20 -3.97 9.15
C ALA A 32 -5.12 -4.30 10.21
N HIS A 33 -4.22 -3.35 10.53
CA HIS A 33 -3.03 -3.60 11.35
C HIS A 33 -2.81 -2.57 12.47
N ASP A 34 -3.01 -1.28 12.16
CA ASP A 34 -2.94 -0.11 13.04
C ASP A 34 -1.78 -0.11 14.07
N PRO A 35 -0.51 -0.13 13.60
CA PRO A 35 0.67 -0.15 14.48
C PRO A 35 0.83 1.19 15.25
N GLN A 36 1.49 1.12 16.41
CA GLN A 36 1.69 2.27 17.31
C GLN A 36 2.92 3.14 16.94
N ASP A 37 3.69 2.76 15.91
CA ASP A 37 4.89 3.45 15.43
C ASP A 37 5.05 3.36 13.89
ZN ZN B . -1.81 -5.47 5.27
N GLY A 1 -2.75 -6.37 -21.88
CA GLY A 1 -3.31 -5.22 -21.13
C GLY A 1 -2.22 -4.28 -20.64
N SER A 2 -2.57 -3.03 -20.39
CA SER A 2 -1.66 -1.97 -19.90
C SER A 2 -2.38 -0.94 -19.00
N SER A 3 -1.60 -0.12 -18.29
CA SER A 3 -2.09 0.95 -17.40
C SER A 3 -1.17 2.17 -17.41
N GLY A 4 -1.69 3.35 -17.04
CA GLY A 4 -0.97 4.63 -17.03
C GLY A 4 0.08 4.77 -15.92
N SER A 5 1.06 5.64 -16.15
CA SER A 5 2.22 5.86 -15.25
C SER A 5 1.90 6.69 -13.99
N SER A 6 0.67 7.17 -13.83
CA SER A 6 0.24 8.05 -12.73
C SER A 6 0.12 7.36 -11.36
N GLY A 7 0.00 6.04 -11.33
CA GLY A 7 -0.04 5.24 -10.08
C GLY A 7 1.33 5.11 -9.40
N ILE A 8 1.33 4.78 -8.11
CA ILE A 8 2.53 4.56 -7.28
C ILE A 8 2.45 3.15 -6.68
N LYS A 9 3.20 2.20 -7.25
CA LYS A 9 3.19 0.78 -6.81
C LYS A 9 3.73 0.65 -5.38
N GLN A 10 2.92 0.05 -4.50
CA GLN A 10 3.19 -0.14 -3.08
C GLN A 10 2.75 -1.52 -2.59
N HIS A 11 3.28 -1.99 -1.47
CA HIS A 11 2.81 -3.21 -0.79
C HIS A 11 2.75 -3.10 0.74
N CYS A 12 1.84 -3.85 1.35
CA CYS A 12 1.73 -4.04 2.78
C CYS A 12 2.97 -4.76 3.36
N ARG A 13 3.34 -4.39 4.59
CA ARG A 13 4.41 -5.01 5.39
C ARG A 13 3.93 -6.24 6.14
N PHE A 14 2.65 -6.25 6.54
CA PHE A 14 2.10 -7.21 7.50
C PHE A 14 1.31 -8.36 6.86
N CYS A 15 0.68 -8.13 5.70
CA CYS A 15 -0.08 -9.15 4.94
C CYS A 15 0.27 -9.22 3.43
N LYS A 16 1.29 -8.46 2.99
CA LYS A 16 1.94 -8.48 1.67
C LYS A 16 1.03 -8.20 0.44
N LYS A 17 -0.17 -7.66 0.66
CA LYS A 17 -1.09 -7.14 -0.38
C LYS A 17 -0.48 -5.97 -1.14
N LYS A 18 -0.88 -5.80 -2.41
CA LYS A 18 -0.38 -4.75 -3.32
C LYS A 18 -1.40 -3.63 -3.53
N TYR A 19 -0.91 -2.38 -3.61
CA TYR A 19 -1.68 -1.15 -3.67
C TYR A 19 -1.19 -0.17 -4.75
N SER A 20 -2.11 0.66 -5.25
CA SER A 20 -1.93 1.60 -6.37
C SER A 20 -1.45 3.00 -5.96
N ASP A 21 -1.44 3.31 -4.66
CA ASP A 21 -0.96 4.56 -4.08
C ASP A 21 -0.49 4.31 -2.63
N VAL A 22 0.48 5.07 -2.13
CA VAL A 22 0.86 5.07 -0.70
C VAL A 22 -0.30 5.49 0.20
N LYS A 23 -1.20 6.35 -0.30
CA LYS A 23 -2.45 6.73 0.36
C LYS A 23 -3.38 5.53 0.55
N ASN A 24 -3.50 4.69 -0.48
CA ASN A 24 -4.33 3.47 -0.46
C ASN A 24 -3.71 2.39 0.46
N LEU A 25 -2.38 2.28 0.47
CA LEU A 25 -1.66 1.45 1.45
C LEU A 25 -1.89 1.93 2.89
N ILE A 26 -1.80 3.23 3.18
CA ILE A 26 -1.97 3.76 4.54
C ILE A 26 -3.42 3.61 5.03
N LYS A 27 -4.41 3.82 4.16
CA LYS A 27 -5.83 3.52 4.47
C LYS A 27 -6.08 2.04 4.76
N HIS A 28 -5.35 1.13 4.12
CA HIS A 28 -5.35 -0.29 4.47
C HIS A 28 -4.69 -0.54 5.84
N ILE A 29 -3.48 -0.02 6.07
CA ILE A 29 -2.72 -0.20 7.32
C ILE A 29 -3.54 0.25 8.54
N ARG A 30 -4.09 1.46 8.52
CA ARG A 30 -4.83 2.04 9.67
C ARG A 30 -6.16 1.35 9.98
N ASP A 31 -6.68 0.53 9.06
CA ASP A 31 -7.89 -0.28 9.25
C ASP A 31 -7.58 -1.73 9.67
N ALA A 32 -6.57 -2.35 9.04
CA ALA A 32 -6.27 -3.77 9.18
C ALA A 32 -5.17 -4.13 10.21
N HIS A 33 -4.25 -3.21 10.50
CA HIS A 33 -3.04 -3.50 11.29
C HIS A 33 -2.75 -2.46 12.39
N ASP A 34 -2.90 -1.16 12.08
CA ASP A 34 -2.72 0.01 12.96
C ASP A 34 -1.49 -0.08 13.91
N PRO A 35 -0.26 -0.15 13.37
CA PRO A 35 0.98 -0.29 14.14
C PRO A 35 1.34 0.97 14.96
N GLN A 36 2.29 0.83 15.88
CA GLN A 36 2.82 1.91 16.73
C GLN A 36 3.84 2.79 15.96
N ASP A 37 3.36 3.47 14.91
CA ASP A 37 4.13 4.40 14.05
C ASP A 37 4.50 5.72 14.76
ZN ZN B . -1.90 -5.51 5.23
N GLY A 1 -5.21 1.66 -20.17
CA GLY A 1 -5.11 0.36 -19.46
C GLY A 1 -5.28 0.52 -17.96
N SER A 2 -5.93 -0.45 -17.31
CA SER A 2 -6.29 -0.41 -15.88
C SER A 2 -5.14 -0.74 -14.92
N SER A 3 -4.05 -1.36 -15.41
CA SER A 3 -2.90 -1.80 -14.61
C SER A 3 -2.07 -0.62 -14.05
N GLY A 4 -1.51 -0.79 -12.85
CA GLY A 4 -0.71 0.23 -12.15
C GLY A 4 0.68 0.52 -12.74
N SER A 5 1.10 -0.23 -13.78
CA SER A 5 2.42 -0.14 -14.43
C SER A 5 2.70 1.20 -15.12
N SER A 6 1.69 2.07 -15.29
CA SER A 6 1.83 3.45 -15.75
C SER A 6 2.38 4.42 -14.69
N GLY A 7 2.49 3.99 -13.43
CA GLY A 7 2.97 4.78 -12.29
C GLY A 7 3.67 3.93 -11.21
N ILE A 8 3.64 4.41 -9.97
CA ILE A 8 4.26 3.74 -8.81
C ILE A 8 3.46 2.53 -8.31
N LYS A 9 4.15 1.60 -7.62
CA LYS A 9 3.56 0.43 -6.94
C LYS A 9 4.11 0.30 -5.51
N GLN A 10 3.24 -0.09 -4.59
CA GLN A 10 3.52 -0.27 -3.16
C GLN A 10 2.99 -1.64 -2.66
N HIS A 11 3.49 -2.13 -1.53
CA HIS A 11 2.93 -3.30 -0.85
C HIS A 11 2.83 -3.13 0.68
N CYS A 12 1.87 -3.83 1.29
CA CYS A 12 1.71 -3.95 2.73
C CYS A 12 2.90 -4.67 3.39
N ARG A 13 3.26 -4.21 4.59
CA ARG A 13 4.31 -4.75 5.46
C ARG A 13 3.86 -5.99 6.23
N PHE A 14 2.57 -6.12 6.47
CA PHE A 14 1.99 -7.10 7.40
C PHE A 14 1.20 -8.25 6.74
N CYS A 15 0.58 -8.01 5.57
CA CYS A 15 -0.16 -9.00 4.79
C CYS A 15 0.23 -9.10 3.29
N LYS A 16 1.21 -8.28 2.86
CA LYS A 16 1.82 -8.26 1.50
C LYS A 16 0.86 -8.00 0.33
N LYS A 17 -0.33 -7.45 0.59
CA LYS A 17 -1.25 -6.91 -0.43
C LYS A 17 -0.59 -5.78 -1.23
N LYS A 18 -0.93 -5.67 -2.51
CA LYS A 18 -0.31 -4.73 -3.47
C LYS A 18 -1.25 -3.57 -3.83
N TYR A 19 -0.68 -2.37 -3.93
CA TYR A 19 -1.39 -1.10 -4.13
C TYR A 19 -0.73 -0.23 -5.22
N SER A 20 -1.54 0.52 -5.96
CA SER A 20 -1.09 1.55 -6.93
C SER A 20 -0.94 2.94 -6.32
N ASP A 21 -1.25 3.09 -5.03
CA ASP A 21 -1.24 4.36 -4.29
C ASP A 21 -0.86 4.16 -2.80
N VAL A 22 0.03 5.01 -2.28
CA VAL A 22 0.51 4.92 -0.89
C VAL A 22 -0.55 5.33 0.13
N LYS A 23 -1.45 6.27 -0.21
CA LYS A 23 -2.55 6.69 0.69
C LYS A 23 -3.61 5.60 0.82
N ASN A 24 -3.94 4.87 -0.24
CA ASN A 24 -4.79 3.67 -0.19
C ASN A 24 -4.16 2.58 0.71
N LEU A 25 -2.85 2.34 0.57
CA LEU A 25 -2.11 1.43 1.44
C LEU A 25 -2.13 1.88 2.92
N ILE A 26 -1.91 3.16 3.21
CA ILE A 26 -1.95 3.69 4.59
C ILE A 26 -3.35 3.59 5.19
N LYS A 27 -4.40 3.86 4.39
CA LYS A 27 -5.82 3.68 4.79
C LYS A 27 -6.16 2.22 5.09
N HIS A 28 -5.52 1.27 4.41
CA HIS A 28 -5.59 -0.16 4.75
C HIS A 28 -4.84 -0.47 6.06
N ILE A 29 -3.60 0.00 6.22
CA ILE A 29 -2.79 -0.24 7.43
C ILE A 29 -3.49 0.24 8.70
N ARG A 30 -4.02 1.48 8.70
CA ARG A 30 -4.73 2.06 9.86
C ARG A 30 -6.07 1.37 10.21
N ASP A 31 -6.60 0.52 9.32
CA ASP A 31 -7.83 -0.24 9.53
C ASP A 31 -7.56 -1.71 9.94
N ALA A 32 -6.56 -2.35 9.32
CA ALA A 32 -6.30 -3.79 9.42
C ALA A 32 -5.15 -4.18 10.37
N HIS A 33 -4.18 -3.28 10.62
CA HIS A 33 -2.93 -3.60 11.33
C HIS A 33 -2.57 -2.62 12.46
N ASP A 34 -2.87 -1.32 12.28
CA ASP A 34 -2.69 -0.22 13.25
C ASP A 34 -1.40 -0.30 14.11
N PRO A 35 -0.20 -0.32 13.48
CA PRO A 35 1.07 -0.59 14.17
C PRO A 35 1.58 0.53 15.07
N GLN A 36 1.07 1.77 14.91
CA GLN A 36 1.51 2.98 15.62
C GLN A 36 3.04 3.23 15.52
N ASP A 37 3.58 3.05 14.31
CA ASP A 37 5.02 3.16 13.96
C ASP A 37 5.25 3.86 12.61
ZN ZN B . -2.00 -5.33 5.13
N GLY A 1 0.47 -3.64 -24.56
CA GLY A 1 0.30 -4.65 -23.49
C GLY A 1 -0.83 -4.29 -22.54
N SER A 2 -1.49 -5.30 -21.97
CA SER A 2 -2.64 -5.14 -21.06
C SER A 2 -2.26 -4.74 -19.62
N SER A 3 -1.00 -4.94 -19.21
CA SER A 3 -0.46 -4.58 -17.89
C SER A 3 1.04 -4.24 -17.98
N GLY A 4 1.55 -3.47 -17.01
CA GLY A 4 2.95 -3.04 -16.90
C GLY A 4 3.20 -2.10 -15.72
N SER A 5 4.47 -1.86 -15.40
CA SER A 5 4.89 -0.96 -14.30
C SER A 5 4.84 0.52 -14.72
N SER A 6 4.28 1.36 -13.85
CA SER A 6 4.08 2.81 -14.07
C SER A 6 5.16 3.71 -13.44
N GLY A 7 6.09 3.12 -12.67
CA GLY A 7 7.06 3.84 -11.84
C GLY A 7 6.57 4.16 -10.41
N ILE A 8 5.32 3.81 -10.08
CA ILE A 8 4.76 3.91 -8.71
C ILE A 8 3.97 2.64 -8.35
N LYS A 9 4.50 1.87 -7.40
CA LYS A 9 3.93 0.62 -6.86
C LYS A 9 4.14 0.53 -5.35
N GLN A 10 3.16 -0.02 -4.63
CA GLN A 10 3.13 -0.13 -3.17
C GLN A 10 2.75 -1.55 -2.72
N HIS A 11 3.20 -1.96 -1.53
CA HIS A 11 2.73 -3.19 -0.87
C HIS A 11 2.62 -3.05 0.65
N CYS A 12 1.73 -3.84 1.26
CA CYS A 12 1.61 -3.99 2.70
C CYS A 12 2.83 -4.67 3.32
N ARG A 13 3.16 -4.25 4.54
CA ARG A 13 4.25 -4.78 5.38
C ARG A 13 3.83 -6.02 6.18
N PHE A 14 2.54 -6.15 6.46
CA PHE A 14 1.99 -7.13 7.43
C PHE A 14 1.19 -8.29 6.79
N CYS A 15 0.56 -8.07 5.63
CA CYS A 15 -0.17 -9.09 4.86
C CYS A 15 0.23 -9.18 3.36
N LYS A 16 1.20 -8.36 2.93
CA LYS A 16 1.84 -8.37 1.59
C LYS A 16 0.90 -8.15 0.39
N LYS A 17 -0.30 -7.60 0.61
CA LYS A 17 -1.21 -7.12 -0.44
C LYS A 17 -0.57 -5.99 -1.26
N LYS A 18 -0.91 -5.92 -2.55
CA LYS A 18 -0.34 -4.97 -3.53
C LYS A 18 -1.30 -3.82 -3.86
N TYR A 19 -0.74 -2.61 -3.98
CA TYR A 19 -1.44 -1.34 -4.16
C TYR A 19 -0.74 -0.46 -5.22
N SER A 20 -1.47 0.50 -5.80
CA SER A 20 -0.95 1.48 -6.78
C SER A 20 -0.89 2.92 -6.22
N ASP A 21 -1.16 3.09 -4.92
CA ASP A 21 -1.20 4.37 -4.22
C ASP A 21 -0.82 4.22 -2.74
N VAL A 22 -0.01 5.14 -2.22
CA VAL A 22 0.43 5.17 -0.82
C VAL A 22 -0.69 5.55 0.15
N LYS A 23 -1.64 6.39 -0.26
CA LYS A 23 -2.77 6.80 0.59
C LYS A 23 -3.74 5.64 0.82
N ASN A 24 -4.05 4.86 -0.22
CA ASN A 24 -4.82 3.61 -0.10
C ASN A 24 -4.09 2.55 0.75
N LEU A 25 -2.76 2.42 0.60
CA LEU A 25 -1.95 1.55 1.47
C LEU A 25 -2.03 1.99 2.95
N ILE A 26 -1.87 3.28 3.25
CA ILE A 26 -1.93 3.78 4.64
C ILE A 26 -3.34 3.63 5.22
N LYS A 27 -4.40 3.85 4.41
CA LYS A 27 -5.80 3.60 4.80
C LYS A 27 -6.06 2.12 5.10
N HIS A 28 -5.45 1.20 4.35
CA HIS A 28 -5.45 -0.23 4.66
C HIS A 28 -4.71 -0.52 5.98
N ILE A 29 -3.48 -0.01 6.16
CA ILE A 29 -2.68 -0.24 7.37
C ILE A 29 -3.42 0.21 8.63
N ARG A 30 -3.94 1.44 8.67
CA ARG A 30 -4.61 2.00 9.87
C ARG A 30 -5.96 1.35 10.20
N ASP A 31 -6.54 0.60 9.27
CA ASP A 31 -7.78 -0.16 9.47
C ASP A 31 -7.51 -1.63 9.88
N ALA A 32 -6.55 -2.28 9.22
CA ALA A 32 -6.31 -3.72 9.33
C ALA A 32 -5.18 -4.12 10.31
N HIS A 33 -4.21 -3.24 10.58
CA HIS A 33 -2.98 -3.57 11.30
C HIS A 33 -2.64 -2.57 12.42
N ASP A 34 -2.78 -1.26 12.16
CA ASP A 34 -2.56 -0.12 13.09
C ASP A 34 -1.33 -0.28 14.01
N PRO A 35 -0.10 -0.31 13.45
CA PRO A 35 1.12 -0.66 14.19
C PRO A 35 1.58 0.40 15.19
N GLN A 36 1.39 1.69 14.89
CA GLN A 36 1.73 2.81 15.79
C GLN A 36 1.01 4.13 15.44
N ASP A 37 0.74 4.41 14.16
CA ASP A 37 0.15 5.65 13.64
C ASP A 37 -0.65 5.43 12.33
ZN ZN B . -2.02 -5.45 5.16
N GLY A 1 -11.88 -5.64 -13.86
CA GLY A 1 -11.16 -4.97 -14.96
C GLY A 1 -10.06 -4.04 -14.47
N SER A 2 -9.38 -3.36 -15.39
CA SER A 2 -8.28 -2.43 -15.09
C SER A 2 -8.73 -1.16 -14.34
N SER A 3 -7.84 -0.61 -13.50
CA SER A 3 -8.10 0.59 -12.69
C SER A 3 -8.28 1.86 -13.53
N GLY A 4 -9.20 2.75 -13.12
CA GLY A 4 -9.46 4.05 -13.76
C GLY A 4 -8.45 5.15 -13.41
N SER A 5 -7.52 4.89 -12.48
CA SER A 5 -6.50 5.83 -11.98
C SER A 5 -5.16 5.12 -11.70
N SER A 6 -4.11 5.91 -11.47
CA SER A 6 -2.74 5.44 -11.22
C SER A 6 -2.04 6.29 -10.14
N GLY A 7 -1.09 5.69 -9.42
CA GLY A 7 -0.32 6.33 -8.33
C GLY A 7 1.01 5.63 -8.04
N ILE A 8 1.60 5.93 -6.88
CA ILE A 8 2.88 5.37 -6.42
C ILE A 8 2.64 3.97 -5.83
N LYS A 9 2.83 2.94 -6.66
CA LYS A 9 2.46 1.54 -6.36
C LYS A 9 3.33 0.94 -5.25
N GLN A 10 2.67 0.28 -4.30
CA GLN A 10 3.26 -0.19 -3.03
C GLN A 10 2.73 -1.58 -2.61
N HIS A 11 3.36 -2.18 -1.59
CA HIS A 11 2.85 -3.38 -0.92
C HIS A 11 2.86 -3.25 0.62
N CYS A 12 1.94 -3.96 1.27
CA CYS A 12 1.83 -4.07 2.72
C CYS A 12 3.08 -4.74 3.35
N ARG A 13 3.34 -4.35 4.60
CA ARG A 13 4.41 -4.88 5.46
C ARG A 13 3.97 -6.11 6.27
N PHE A 14 2.67 -6.22 6.54
CA PHE A 14 2.12 -7.19 7.51
C PHE A 14 1.33 -8.34 6.87
N CYS A 15 0.73 -8.13 5.68
CA CYS A 15 0.01 -9.16 4.92
C CYS A 15 0.42 -9.25 3.42
N LYS A 16 1.38 -8.42 2.99
CA LYS A 16 2.04 -8.40 1.67
C LYS A 16 1.13 -8.14 0.45
N LYS A 17 -0.10 -7.68 0.68
CA LYS A 17 -1.06 -7.19 -0.34
C LYS A 17 -0.55 -5.96 -1.09
N LYS A 18 -0.91 -5.82 -2.37
CA LYS A 18 -0.46 -4.73 -3.26
C LYS A 18 -1.51 -3.62 -3.39
N TYR A 19 -1.06 -2.36 -3.43
CA TYR A 19 -1.89 -1.16 -3.47
C TYR A 19 -1.43 -0.16 -4.55
N SER A 20 -2.39 0.53 -5.17
CA SER A 20 -2.20 1.41 -6.32
C SER A 20 -1.51 2.74 -6.01
N ASP A 21 -1.56 3.17 -4.75
CA ASP A 21 -0.87 4.36 -4.23
C ASP A 21 -0.48 4.17 -2.75
N VAL A 22 0.55 4.88 -2.28
CA VAL A 22 0.97 4.87 -0.87
C VAL A 22 -0.14 5.33 0.08
N LYS A 23 -1.03 6.23 -0.36
CA LYS A 23 -2.22 6.64 0.41
C LYS A 23 -3.22 5.50 0.58
N ASN A 24 -3.38 4.64 -0.45
CA ASN A 24 -4.22 3.44 -0.36
C ASN A 24 -3.56 2.35 0.52
N LEU A 25 -2.23 2.24 0.52
CA LEU A 25 -1.50 1.41 1.49
C LEU A 25 -1.72 1.90 2.93
N ILE A 26 -1.58 3.20 3.20
CA ILE A 26 -1.76 3.76 4.55
C ILE A 26 -3.21 3.60 5.03
N LYS A 27 -4.19 3.81 4.13
CA LYS A 27 -5.63 3.56 4.34
C LYS A 27 -5.92 2.09 4.66
N HIS A 28 -5.20 1.15 4.05
CA HIS A 28 -5.24 -0.26 4.42
C HIS A 28 -4.61 -0.51 5.80
N ILE A 29 -3.39 -0.03 6.06
CA ILE A 29 -2.68 -0.22 7.34
C ILE A 29 -3.54 0.27 8.51
N ARG A 30 -4.06 1.49 8.47
CA ARG A 30 -4.84 2.10 9.58
C ARG A 30 -6.19 1.44 9.84
N ASP A 31 -6.66 0.58 8.94
CA ASP A 31 -7.89 -0.21 9.10
C ASP A 31 -7.63 -1.66 9.52
N ALA A 32 -6.61 -2.31 8.92
CA ALA A 32 -6.35 -3.74 9.05
C ALA A 32 -5.29 -4.12 10.10
N HIS A 33 -4.33 -3.22 10.41
CA HIS A 33 -3.15 -3.53 11.23
C HIS A 33 -2.91 -2.51 12.36
N ASP A 34 -3.10 -1.22 12.06
CA ASP A 34 -2.99 -0.03 12.93
C ASP A 34 -1.88 -0.10 14.01
N PRO A 35 -0.59 0.03 13.61
CA PRO A 35 0.57 0.02 14.52
C PRO A 35 0.50 1.05 15.65
N GLN A 36 1.14 0.73 16.77
CA GLN A 36 1.15 1.55 18.00
C GLN A 36 2.19 2.70 17.99
N ASP A 37 2.99 2.82 16.93
CA ASP A 37 4.05 3.83 16.74
C ASP A 37 4.13 4.36 15.30
ZN ZN B . -1.81 -5.51 5.18
N GLY A 1 8.16 5.52 -26.55
CA GLY A 1 9.39 5.01 -25.91
C GLY A 1 9.58 5.63 -24.53
N SER A 2 10.07 4.83 -23.56
CA SER A 2 10.23 5.22 -22.15
C SER A 2 11.58 4.75 -21.58
N SER A 3 12.11 5.48 -20.59
CA SER A 3 13.42 5.21 -19.96
C SER A 3 13.41 4.11 -18.88
N GLY A 4 12.23 3.51 -18.61
CA GLY A 4 12.03 2.49 -17.59
C GLY A 4 10.62 1.89 -17.61
N SER A 5 10.15 1.36 -16.48
CA SER A 5 8.80 0.80 -16.29
C SER A 5 7.70 1.87 -16.25
N SER A 6 6.44 1.43 -16.09
CA SER A 6 5.26 2.30 -15.89
C SER A 6 5.22 3.01 -14.52
N GLY A 7 6.18 2.74 -13.63
CA GLY A 7 6.32 3.37 -12.31
C GLY A 7 6.41 2.36 -11.16
N ILE A 8 6.64 2.86 -9.94
CA ILE A 8 6.73 2.06 -8.70
C ILE A 8 5.32 1.79 -8.15
N LYS A 9 5.08 0.56 -7.68
CA LYS A 9 3.84 0.12 -7.00
C LYS A 9 4.10 -0.13 -5.52
N GLN A 10 3.08 0.06 -4.69
CA GLN A 10 3.16 -0.02 -3.22
C GLN A 10 2.70 -1.39 -2.71
N HIS A 11 3.15 -1.82 -1.53
CA HIS A 11 2.65 -3.03 -0.87
C HIS A 11 2.63 -2.94 0.66
N CYS A 12 1.70 -3.68 1.28
CA CYS A 12 1.61 -3.88 2.73
C CYS A 12 2.88 -4.54 3.30
N ARG A 13 3.11 -4.25 4.58
CA ARG A 13 4.22 -4.78 5.38
C ARG A 13 3.83 -6.08 6.09
N PHE A 14 2.59 -6.17 6.55
CA PHE A 14 2.09 -7.19 7.48
C PHE A 14 1.32 -8.34 6.81
N CYS A 15 0.61 -8.05 5.70
CA CYS A 15 -0.09 -9.05 4.87
C CYS A 15 0.32 -9.04 3.38
N LYS A 16 1.23 -8.11 3.00
CA LYS A 16 1.95 -8.04 1.71
C LYS A 16 1.07 -7.97 0.44
N LYS A 17 -0.15 -7.45 0.58
CA LYS A 17 -1.07 -7.06 -0.51
C LYS A 17 -0.51 -5.86 -1.29
N LYS A 18 -0.86 -5.76 -2.57
CA LYS A 18 -0.35 -4.74 -3.51
C LYS A 18 -1.37 -3.62 -3.76
N TYR A 19 -0.87 -2.38 -3.84
CA TYR A 19 -1.65 -1.14 -3.96
C TYR A 19 -1.05 -0.20 -5.02
N SER A 20 -1.91 0.51 -5.75
CA SER A 20 -1.51 1.49 -6.79
C SER A 20 -1.18 2.89 -6.21
N ASP A 21 -1.40 3.10 -4.92
CA ASP A 21 -1.29 4.39 -4.24
C ASP A 21 -0.89 4.25 -2.76
N VAL A 22 -0.05 5.17 -2.26
CA VAL A 22 0.48 5.14 -0.90
C VAL A 22 -0.57 5.52 0.16
N LYS A 23 -1.51 6.42 -0.17
CA LYS A 23 -2.61 6.79 0.74
C LYS A 23 -3.64 5.67 0.90
N ASN A 24 -3.89 4.89 -0.16
CA ASN A 24 -4.68 3.66 -0.09
C ASN A 24 -3.98 2.58 0.75
N LEU A 25 -2.66 2.41 0.61
CA LEU A 25 -1.85 1.54 1.48
C LEU A 25 -1.92 1.99 2.96
N ILE A 26 -1.73 3.28 3.25
CA ILE A 26 -1.77 3.80 4.63
C ILE A 26 -3.17 3.63 5.24
N LYS A 27 -4.24 3.85 4.46
CA LYS A 27 -5.63 3.61 4.87
C LYS A 27 -5.88 2.12 5.17
N HIS A 28 -5.34 1.20 4.36
CA HIS A 28 -5.35 -0.23 4.65
C HIS A 28 -4.62 -0.56 5.96
N ILE A 29 -3.42 -0.01 6.19
CA ILE A 29 -2.64 -0.25 7.41
C ILE A 29 -3.43 0.18 8.65
N ARG A 30 -3.97 1.41 8.70
CA ARG A 30 -4.71 1.92 9.88
C ARG A 30 -6.07 1.25 10.12
N ASP A 31 -6.60 0.52 9.13
CA ASP A 31 -7.83 -0.27 9.24
C ASP A 31 -7.59 -1.72 9.67
N ALA A 32 -6.57 -2.38 9.08
CA ALA A 32 -6.33 -3.81 9.21
C ALA A 32 -5.24 -4.21 10.23
N HIS A 33 -4.27 -3.33 10.52
CA HIS A 33 -3.07 -3.65 11.30
C HIS A 33 -2.77 -2.66 12.43
N ASP A 34 -2.97 -1.36 12.19
CA ASP A 34 -2.84 -0.21 13.10
C ASP A 34 -1.65 -0.29 14.10
N PRO A 35 -0.40 -0.11 13.62
CA PRO A 35 0.82 -0.09 14.44
C PRO A 35 0.79 0.93 15.60
N GLN A 36 1.54 0.62 16.67
CA GLN A 36 1.61 1.45 17.88
C GLN A 36 2.44 2.75 17.76
N ASP A 37 3.21 2.90 16.67
CA ASP A 37 4.11 4.03 16.38
C ASP A 37 4.20 4.35 14.88
ZN ZN B . -1.99 -5.48 5.15
N GLY A 1 4.76 -17.34 -19.23
CA GLY A 1 5.87 -16.56 -19.82
C GLY A 1 6.59 -15.72 -18.77
N SER A 2 7.89 -15.50 -18.95
CA SER A 2 8.76 -14.75 -18.02
C SER A 2 8.69 -13.23 -18.17
N SER A 3 8.24 -12.72 -19.33
CA SER A 3 8.09 -11.29 -19.61
C SER A 3 6.98 -10.62 -18.79
N GLY A 4 7.22 -9.38 -18.33
CA GLY A 4 6.26 -8.59 -17.57
C GLY A 4 6.85 -7.29 -16.98
N SER A 5 5.99 -6.44 -16.44
CA SER A 5 6.36 -5.16 -15.80
C SER A 5 7.00 -5.35 -14.42
N SER A 6 7.78 -4.36 -13.96
CA SER A 6 8.46 -4.35 -12.65
C SER A 6 7.55 -4.03 -11.44
N GLY A 7 6.30 -3.61 -11.69
CA GLY A 7 5.31 -3.29 -10.65
C GLY A 7 5.55 -1.95 -9.94
N ILE A 8 4.97 -1.80 -8.74
CA ILE A 8 5.05 -0.60 -7.89
C ILE A 8 5.52 -0.91 -6.47
N LYS A 9 6.08 0.09 -5.77
CA LYS A 9 6.61 -0.04 -4.40
C LYS A 9 5.55 -0.13 -3.30
N GLN A 10 4.31 0.27 -3.60
CA GLN A 10 3.19 0.33 -2.66
C GLN A 10 2.62 -1.08 -2.40
N HIS A 11 3.19 -1.75 -1.39
CA HIS A 11 2.68 -3.01 -0.84
C HIS A 11 2.60 -2.98 0.69
N CYS A 12 1.68 -3.75 1.26
CA CYS A 12 1.57 -3.99 2.69
C CYS A 12 2.79 -4.77 3.21
N ARG A 13 3.26 -4.41 4.41
CA ARG A 13 4.35 -5.09 5.14
C ARG A 13 3.86 -6.33 5.89
N PHE A 14 2.58 -6.35 6.28
CA PHE A 14 2.03 -7.32 7.23
C PHE A 14 1.17 -8.44 6.59
N CYS A 15 0.49 -8.15 5.47
CA CYS A 15 -0.28 -9.13 4.69
C CYS A 15 0.06 -9.19 3.18
N LYS A 16 1.09 -8.43 2.75
CA LYS A 16 1.76 -8.48 1.43
C LYS A 16 0.86 -8.19 0.21
N LYS A 17 -0.30 -7.55 0.41
CA LYS A 17 -1.18 -7.01 -0.64
C LYS A 17 -0.53 -5.83 -1.36
N LYS A 18 -0.92 -5.59 -2.62
CA LYS A 18 -0.40 -4.52 -3.50
C LYS A 18 -1.49 -3.48 -3.82
N TYR A 19 -1.10 -2.21 -3.92
CA TYR A 19 -2.01 -1.07 -4.01
C TYR A 19 -1.61 -0.07 -5.12
N SER A 20 -2.61 0.55 -5.75
CA SER A 20 -2.42 1.52 -6.85
C SER A 20 -2.01 2.92 -6.37
N ASP A 21 -2.16 3.23 -5.08
CA ASP A 21 -1.83 4.53 -4.47
C ASP A 21 -1.35 4.35 -3.01
N VAL A 22 -0.39 5.17 -2.57
CA VAL A 22 0.17 5.11 -1.21
C VAL A 22 -0.86 5.48 -0.13
N LYS A 23 -1.82 6.36 -0.43
CA LYS A 23 -2.90 6.73 0.49
C LYS A 23 -3.90 5.57 0.69
N ASN A 24 -4.13 4.76 -0.35
CA ASN A 24 -4.95 3.54 -0.24
C ASN A 24 -4.22 2.46 0.59
N LEU A 25 -2.90 2.32 0.42
CA LEU A 25 -2.06 1.47 1.26
C LEU A 25 -2.08 1.92 2.74
N ILE A 26 -1.91 3.21 3.01
CA ILE A 26 -1.92 3.74 4.39
C ILE A 26 -3.30 3.59 5.02
N LYS A 27 -4.38 3.82 4.27
CA LYS A 27 -5.78 3.60 4.71
C LYS A 27 -6.05 2.13 5.03
N HIS A 28 -5.47 1.19 4.28
CA HIS A 28 -5.47 -0.23 4.62
C HIS A 28 -4.70 -0.50 5.93
N ILE A 29 -3.45 -0.02 6.04
CA ILE A 29 -2.59 -0.26 7.22
C ILE A 29 -3.27 0.22 8.50
N ARG A 30 -3.78 1.47 8.55
CA ARG A 30 -4.39 2.05 9.76
C ARG A 30 -5.73 1.43 10.17
N ASP A 31 -6.36 0.66 9.28
CA ASP A 31 -7.59 -0.09 9.55
C ASP A 31 -7.32 -1.54 9.95
N ALA A 32 -6.39 -2.22 9.26
CA ALA A 32 -6.16 -3.67 9.37
C ALA A 32 -5.02 -4.06 10.33
N HIS A 33 -4.02 -3.18 10.55
CA HIS A 33 -2.77 -3.51 11.25
C HIS A 33 -2.37 -2.48 12.33
N ASP A 34 -2.52 -1.19 12.04
CA ASP A 34 -2.25 -0.02 12.91
C ASP A 34 -0.95 -0.15 13.76
N PRO A 35 0.24 -0.20 13.13
CA PRO A 35 1.50 -0.53 13.80
C PRO A 35 2.08 0.59 14.67
N GLN A 36 1.82 1.86 14.34
CA GLN A 36 2.40 3.04 15.02
C GLN A 36 1.40 4.21 15.10
N ASP A 37 0.95 4.74 13.96
CA ASP A 37 0.09 5.93 13.82
C ASP A 37 -0.76 5.91 12.53
ZN ZN B . -2.06 -5.50 5.12
N GLY A 1 -0.97 11.50 -22.51
CA GLY A 1 -1.93 10.93 -21.54
C GLY A 1 -1.30 9.77 -20.77
N SER A 2 -1.59 9.67 -19.47
CA SER A 2 -0.96 8.71 -18.53
C SER A 2 -1.98 7.98 -17.64
N SER A 3 -3.19 7.73 -18.17
CA SER A 3 -4.26 7.01 -17.46
C SER A 3 -3.81 5.59 -17.09
N GLY A 4 -3.96 5.23 -15.80
CA GLY A 4 -3.46 3.98 -15.21
C GLY A 4 -1.94 3.93 -14.99
N SER A 5 -1.13 4.38 -15.96
CA SER A 5 0.34 4.34 -15.90
C SER A 5 0.96 5.32 -14.89
N SER A 6 0.22 6.33 -14.42
CA SER A 6 0.61 7.19 -13.29
C SER A 6 0.51 6.50 -11.91
N GLY A 7 -0.10 5.31 -11.82
CA GLY A 7 -0.16 4.51 -10.59
C GLY A 7 1.21 3.96 -10.16
N ILE A 8 1.36 3.67 -8.86
CA ILE A 8 2.63 3.24 -8.23
C ILE A 8 2.42 1.88 -7.52
N LYS A 9 3.47 1.06 -7.43
CA LYS A 9 3.43 -0.34 -6.95
C LYS A 9 3.80 -0.50 -5.46
N GLN A 10 3.08 0.16 -4.55
CA GLN A 10 3.22 -0.05 -3.10
C GLN A 10 2.71 -1.44 -2.67
N HIS A 11 3.28 -1.99 -1.60
CA HIS A 11 2.80 -3.21 -0.95
C HIS A 11 2.76 -3.09 0.60
N CYS A 12 1.87 -3.85 1.22
CA CYS A 12 1.75 -3.99 2.67
C CYS A 12 3.01 -4.60 3.31
N ARG A 13 3.31 -4.12 4.52
CA ARG A 13 4.40 -4.58 5.38
C ARG A 13 4.03 -5.84 6.19
N PHE A 14 2.74 -6.04 6.44
CA PHE A 14 2.23 -7.04 7.39
C PHE A 14 1.49 -8.22 6.73
N CYS A 15 0.87 -8.03 5.57
CA CYS A 15 0.17 -9.07 4.79
C CYS A 15 0.52 -9.12 3.28
N LYS A 16 1.47 -8.29 2.83
CA LYS A 16 2.08 -8.26 1.48
C LYS A 16 1.11 -8.04 0.30
N LYS A 17 -0.11 -7.57 0.55
CA LYS A 17 -1.08 -7.10 -0.46
C LYS A 17 -0.55 -5.88 -1.23
N LYS A 18 -0.95 -5.73 -2.48
CA LYS A 18 -0.51 -4.64 -3.39
C LYS A 18 -1.55 -3.52 -3.50
N TYR A 19 -1.08 -2.27 -3.51
CA TYR A 19 -1.90 -1.06 -3.56
C TYR A 19 -1.35 -0.04 -4.58
N SER A 20 -2.25 0.65 -5.29
CA SER A 20 -1.91 1.53 -6.43
C SER A 20 -1.37 2.92 -6.03
N ASP A 21 -1.42 3.26 -4.74
CA ASP A 21 -0.95 4.53 -4.16
C ASP A 21 -0.58 4.35 -2.68
N VAL A 22 0.37 5.15 -2.18
CA VAL A 22 0.79 5.14 -0.77
C VAL A 22 -0.34 5.50 0.22
N LYS A 23 -1.28 6.37 -0.18
CA LYS A 23 -2.45 6.71 0.64
C LYS A 23 -3.42 5.54 0.78
N ASN A 24 -3.56 4.72 -0.27
CA ASN A 24 -4.38 3.50 -0.23
C ASN A 24 -3.73 2.42 0.66
N LEU A 25 -2.40 2.30 0.61
CA LEU A 25 -1.63 1.47 1.56
C LEU A 25 -1.81 1.97 3.02
N ILE A 26 -1.69 3.27 3.27
CA ILE A 26 -1.82 3.83 4.63
C ILE A 26 -3.24 3.62 5.17
N LYS A 27 -4.29 3.80 4.35
CA LYS A 27 -5.67 3.48 4.70
C LYS A 27 -5.88 1.99 5.00
N HIS A 28 -5.24 1.09 4.24
CA HIS A 28 -5.23 -0.34 4.54
C HIS A 28 -4.57 -0.61 5.90
N ILE A 29 -3.40 -0.01 6.19
CA ILE A 29 -2.69 -0.18 7.47
C ILE A 29 -3.56 0.30 8.64
N ARG A 30 -4.12 1.51 8.59
CA ARG A 30 -4.90 2.07 9.71
C ARG A 30 -6.26 1.40 9.95
N ASP A 31 -6.79 0.65 8.97
CA ASP A 31 -8.02 -0.14 9.12
C ASP A 31 -7.78 -1.62 9.48
N ALA A 32 -6.68 -2.23 9.01
CA ALA A 32 -6.45 -3.68 9.11
C ALA A 32 -5.32 -4.12 10.07
N HIS A 33 -4.36 -3.25 10.39
CA HIS A 33 -3.16 -3.60 11.17
C HIS A 33 -2.88 -2.66 12.35
N ASP A 34 -3.18 -1.37 12.22
CA ASP A 34 -3.06 -0.31 13.24
C ASP A 34 -1.81 -0.39 14.17
N PRO A 35 -0.58 -0.40 13.60
CA PRO A 35 0.68 -0.62 14.34
C PRO A 35 1.15 0.59 15.18
N GLN A 36 0.43 1.72 15.12
CA GLN A 36 0.79 2.99 15.77
C GLN A 36 0.25 3.14 17.22
N ASP A 37 -0.27 2.06 17.81
CA ASP A 37 -0.84 2.01 19.17
C ASP A 37 0.17 2.29 20.30
ZN ZN B . -1.83 -5.55 5.12
N GLY A 1 6.02 -14.06 -16.08
CA GLY A 1 5.58 -12.70 -15.69
C GLY A 1 6.13 -11.63 -16.63
N SER A 2 5.41 -10.51 -16.77
CA SER A 2 5.79 -9.39 -17.65
C SER A 2 7.05 -8.66 -17.19
N SER A 3 7.87 -8.18 -18.14
CA SER A 3 9.11 -7.43 -17.89
C SER A 3 8.90 -5.93 -17.64
N GLY A 4 7.82 -5.35 -18.16
CA GLY A 4 7.44 -3.95 -17.95
C GLY A 4 6.77 -3.67 -16.60
N SER A 5 6.85 -2.40 -16.16
CA SER A 5 6.28 -1.91 -14.90
C SER A 5 5.66 -0.51 -15.07
N SER A 6 4.51 -0.27 -14.42
CA SER A 6 3.74 0.99 -14.49
C SER A 6 4.28 2.06 -13.52
N GLY A 7 5.60 2.29 -13.52
CA GLY A 7 6.30 3.14 -12.54
C GLY A 7 6.42 2.50 -11.16
N ILE A 8 6.33 3.31 -10.11
CA ILE A 8 6.41 2.87 -8.70
C ILE A 8 5.24 1.97 -8.27
N LYS A 9 5.49 1.10 -7.27
CA LYS A 9 4.52 0.12 -6.74
C LYS A 9 4.47 0.17 -5.22
N GLN A 10 3.27 0.06 -4.64
CA GLN A 10 3.02 0.03 -3.20
C GLN A 10 2.64 -1.38 -2.73
N HIS A 11 3.03 -1.74 -1.50
CA HIS A 11 2.73 -3.04 -0.89
C HIS A 11 2.64 -2.96 0.63
N CYS A 12 1.82 -3.83 1.22
CA CYS A 12 1.66 -3.99 2.67
C CYS A 12 2.72 -4.92 3.23
N ARG A 13 3.39 -4.45 4.28
CA ARG A 13 4.44 -5.19 4.99
C ARG A 13 3.90 -6.25 5.96
N PHE A 14 2.62 -6.16 6.34
CA PHE A 14 2.00 -7.01 7.36
C PHE A 14 1.23 -8.21 6.79
N CYS A 15 0.60 -8.08 5.62
CA CYS A 15 -0.19 -9.12 4.95
C CYS A 15 0.18 -9.40 3.47
N LYS A 16 1.25 -8.73 2.98
CA LYS A 16 1.89 -8.92 1.66
C LYS A 16 0.99 -8.60 0.45
N LYS A 17 -0.10 -7.85 0.65
CA LYS A 17 -0.94 -7.27 -0.43
C LYS A 17 -0.18 -6.22 -1.26
N LYS A 18 -0.73 -5.90 -2.43
CA LYS A 18 -0.25 -4.86 -3.37
C LYS A 18 -1.30 -3.76 -3.56
N TYR A 19 -0.84 -2.52 -3.66
CA TYR A 19 -1.63 -1.29 -3.77
C TYR A 19 -1.11 -0.37 -4.87
N SER A 20 -1.96 0.54 -5.34
CA SER A 20 -1.63 1.59 -6.31
C SER A 20 -1.10 2.85 -5.60
N ASP A 21 -1.98 3.61 -4.95
CA ASP A 21 -1.67 4.86 -4.26
C ASP A 21 -1.19 4.62 -2.81
N VAL A 22 -0.22 5.41 -2.35
CA VAL A 22 0.32 5.32 -0.98
C VAL A 22 -0.70 5.67 0.09
N LYS A 23 -1.67 6.56 -0.21
CA LYS A 23 -2.78 6.89 0.70
C LYS A 23 -3.76 5.72 0.85
N ASN A 24 -3.96 4.91 -0.20
CA ASN A 24 -4.77 3.69 -0.14
C ASN A 24 -4.06 2.60 0.69
N LEU A 25 -2.74 2.44 0.53
CA LEU A 25 -1.91 1.58 1.37
C LEU A 25 -1.96 2.01 2.85
N ILE A 26 -1.79 3.31 3.15
CA ILE A 26 -1.82 3.83 4.52
C ILE A 26 -3.20 3.67 5.16
N LYS A 27 -4.29 3.89 4.39
CA LYS A 27 -5.67 3.65 4.83
C LYS A 27 -5.91 2.17 5.15
N HIS A 28 -5.39 1.25 4.32
CA HIS A 28 -5.40 -0.19 4.61
C HIS A 28 -4.64 -0.52 5.90
N ILE A 29 -3.44 0.02 6.10
CA ILE A 29 -2.64 -0.20 7.31
C ILE A 29 -3.40 0.25 8.57
N ARG A 30 -3.94 1.47 8.62
CA ARG A 30 -4.66 1.99 9.80
C ARG A 30 -6.02 1.33 10.07
N ASP A 31 -6.58 0.63 9.08
CA ASP A 31 -7.81 -0.15 9.22
C ASP A 31 -7.56 -1.60 9.67
N ALA A 32 -6.55 -2.26 9.09
CA ALA A 32 -6.32 -3.71 9.24
C ALA A 32 -5.20 -4.09 10.23
N HIS A 33 -4.23 -3.20 10.49
CA HIS A 33 -3.00 -3.53 11.25
C HIS A 33 -2.69 -2.53 12.37
N ASP A 34 -2.86 -1.22 12.12
CA ASP A 34 -2.73 -0.09 13.05
C ASP A 34 -1.52 -0.18 14.02
N PRO A 35 -0.27 -0.16 13.48
CA PRO A 35 0.95 -0.30 14.28
C PRO A 35 1.20 0.89 15.22
N GLN A 36 1.98 0.64 16.28
CA GLN A 36 2.37 1.65 17.29
C GLN A 36 3.57 2.55 16.86
N ASP A 37 4.17 2.26 15.70
CA ASP A 37 5.32 2.97 15.10
C ASP A 37 4.98 4.38 14.57
ZN ZN B . -2.02 -5.37 5.10
N GLY A 1 9.27 1.62 -19.05
CA GLY A 1 8.02 1.16 -18.42
C GLY A 1 8.07 1.26 -16.90
N SER A 2 6.97 0.90 -16.23
CA SER A 2 6.83 0.88 -14.76
C SER A 2 5.87 -0.24 -14.30
N SER A 3 5.90 -0.58 -13.01
CA SER A 3 5.00 -1.55 -12.36
C SER A 3 3.56 -1.01 -12.17
N GLY A 4 3.38 0.31 -12.17
CA GLY A 4 2.08 1.00 -12.10
C GLY A 4 1.87 2.03 -13.22
N SER A 5 0.66 2.59 -13.31
CA SER A 5 0.29 3.63 -14.28
C SER A 5 0.91 5.00 -13.99
N SER A 6 1.22 5.27 -12.71
CA SER A 6 2.00 6.41 -12.23
C SER A 6 2.77 6.03 -10.95
N GLY A 7 3.96 6.59 -10.75
CA GLY A 7 4.86 6.22 -9.64
C GLY A 7 5.30 4.76 -9.68
N ILE A 8 5.48 4.15 -8.51
CA ILE A 8 5.84 2.73 -8.29
C ILE A 8 4.80 2.08 -7.36
N LYS A 9 4.45 0.81 -7.60
CA LYS A 9 3.51 0.04 -6.76
C LYS A 9 3.93 -0.02 -5.29
N GLN A 10 2.93 -0.02 -4.40
CA GLN A 10 3.08 0.06 -2.94
C GLN A 10 2.61 -1.25 -2.29
N HIS A 11 3.32 -1.75 -1.27
CA HIS A 11 3.09 -3.09 -0.73
C HIS A 11 2.88 -3.10 0.80
N CYS A 12 1.96 -3.94 1.29
CA CYS A 12 1.69 -4.11 2.72
C CYS A 12 2.87 -4.78 3.45
N ARG A 13 3.24 -4.18 4.59
CA ARG A 13 4.27 -4.67 5.52
C ARG A 13 3.84 -5.92 6.30
N PHE A 14 2.52 -6.13 6.44
CA PHE A 14 1.96 -7.14 7.36
C PHE A 14 1.22 -8.29 6.67
N CYS A 15 0.60 -8.08 5.50
CA CYS A 15 -0.12 -9.11 4.74
C CYS A 15 0.24 -9.20 3.23
N LYS A 16 1.26 -8.45 2.80
CA LYS A 16 1.91 -8.49 1.47
C LYS A 16 1.00 -8.19 0.26
N LYS A 17 -0.18 -7.59 0.48
CA LYS A 17 -1.08 -7.03 -0.54
C LYS A 17 -0.43 -5.87 -1.31
N LYS A 18 -0.91 -5.62 -2.53
CA LYS A 18 -0.35 -4.62 -3.47
C LYS A 18 -1.36 -3.53 -3.83
N TYR A 19 -0.88 -2.29 -3.87
CA TYR A 19 -1.66 -1.05 -4.01
C TYR A 19 -1.03 -0.11 -5.05
N SER A 20 -1.85 0.71 -5.70
CA SER A 20 -1.41 1.68 -6.73
C SER A 20 -1.17 3.10 -6.20
N ASP A 21 -1.45 3.35 -4.91
CA ASP A 21 -1.23 4.63 -4.23
C ASP A 21 -0.84 4.40 -2.76
N VAL A 22 0.11 5.20 -2.25
CA VAL A 22 0.58 5.09 -0.86
C VAL A 22 -0.50 5.45 0.16
N LYS A 23 -1.45 6.32 -0.21
CA LYS A 23 -2.61 6.67 0.63
C LYS A 23 -3.58 5.49 0.78
N ASN A 24 -3.77 4.71 -0.27
CA ASN A 24 -4.60 3.50 -0.24
C ASN A 24 -3.94 2.40 0.63
N LEU A 25 -2.62 2.25 0.52
CA LEU A 25 -1.82 1.40 1.42
C LEU A 25 -1.95 1.85 2.89
N ILE A 26 -1.81 3.15 3.17
CA ILE A 26 -1.90 3.66 4.55
C ILE A 26 -3.30 3.46 5.11
N LYS A 27 -4.38 3.78 4.37
CA LYS A 27 -5.76 3.54 4.82
C LYS A 27 -6.06 2.05 5.07
N HIS A 28 -5.40 1.13 4.34
CA HIS A 28 -5.44 -0.29 4.64
C HIS A 28 -4.72 -0.62 5.96
N ILE A 29 -3.49 -0.13 6.19
CA ILE A 29 -2.74 -0.33 7.44
C ILE A 29 -3.51 0.23 8.65
N ARG A 30 -4.04 1.44 8.53
CA ARG A 30 -4.79 2.23 9.51
C ARG A 30 -6.09 1.55 9.96
N ASP A 31 -6.64 0.65 9.14
CA ASP A 31 -7.81 -0.17 9.45
C ASP A 31 -7.45 -1.60 9.93
N ALA A 32 -6.51 -2.26 9.27
CA ALA A 32 -6.23 -3.70 9.44
C ALA A 32 -5.06 -4.07 10.37
N HIS A 33 -4.05 -3.20 10.52
CA HIS A 33 -2.77 -3.52 11.19
C HIS A 33 -2.27 -2.42 12.16
N ASP A 34 -3.05 -1.35 12.35
CA ASP A 34 -2.66 -0.12 13.03
C ASP A 34 -2.11 -0.30 14.46
N PRO A 35 -0.96 0.34 14.80
CA PRO A 35 -0.32 0.22 16.10
C PRO A 35 -0.93 1.10 17.21
N GLN A 36 -1.89 1.98 16.89
CA GLN A 36 -2.50 2.96 17.80
C GLN A 36 -1.47 3.87 18.50
N ASP A 37 -0.41 4.25 17.78
CA ASP A 37 0.74 5.05 18.24
C ASP A 37 1.18 6.12 17.22
ZN ZN B . -2.07 -5.55 5.04
#